data_4I99
#
_entry.id   4I99
#
_cell.length_a   117.855
_cell.length_b   117.855
_cell.length_c   94.482
_cell.angle_alpha   90.00
_cell.angle_beta   90.00
_cell.angle_gamma   90.00
#
_symmetry.space_group_name_H-M   'P 41'
#
loop_
_entity.id
_entity.type
_entity.pdbx_description
1 polymer 'Chromosome partition protein Smc'
2 polymer 'Putative uncharacterized protein'
3 non-polymer 'PHOSPHATE ION'
4 water water
#
loop_
_entity_poly.entity_id
_entity_poly.type
_entity_poly.pdbx_seq_one_letter_code
_entity_poly.pdbx_strand_id
1 'polypeptide(L)'
;(MSE)PYIEKLELKGFKSYGNKKVVIPFSKGFTAIVGANGSGKSNIGDAILFVLGGLSAKA(MSE)RASRISDLIFAGSK
NEPPAKYAEVAIYFNNEDRGFPIDEDEVVIRRRVYPDGRSSYWLNGRRATRSEILDILTAA(MSE)ISPDGYNIVLQGDI
TKFIK(MSE)SPLERRLLIDDISGIAEYDSKKEKALEEEKEKKNVF(MSE)RTFEAISRNFSEIFAKLSPGGSARLILEN
PEDPFSGGLEIEAKPAGKDVKRIEA(MSE)SGGEKALTALAFVFAIQKFKPAPFYLFDEIDAHLDDANVKRVADLIKESS
KESQFIVITLRDV(MSE)(MSE)ANADKIIGVS(MSE)RDGVSKVVSLSLEKA(MSE)KILEEIRKKQGWEHGN
;
A,B
2 'polypeptide(L)'
;KKVEIDEEIFVIDDFRVDIEKYVEELYKVVKKIYEKTGTPIKFWDLVPDVEPKIIARTFLYLLFLENMGRVEIIQEEPFG
EILVVPM
;
C,D
#
loop_
_chem_comp.id
_chem_comp.type
_chem_comp.name
_chem_comp.formula
PO4 non-polymer 'PHOSPHATE ION' 'O4 P -3'
#
# COMPACT_ATOMS: atom_id res chain seq x y z
N PRO A 2 -28.52 10.90 -5.87
CA PRO A 2 -27.95 12.09 -5.19
C PRO A 2 -26.42 12.01 -5.18
N TYR A 3 -25.79 13.11 -4.81
CA TYR A 3 -24.35 13.13 -4.73
C TYR A 3 -23.90 14.21 -3.75
N ILE A 4 -22.77 13.97 -3.09
CA ILE A 4 -22.24 14.91 -2.11
C ILE A 4 -21.70 16.18 -2.76
N GLU A 5 -22.21 17.33 -2.32
CA GLU A 5 -21.74 18.61 -2.86
C GLU A 5 -20.58 19.07 -1.99
N LYS A 6 -20.73 18.90 -0.67
CA LYS A 6 -19.69 19.28 0.26
C LYS A 6 -19.90 18.79 1.68
N LEU A 7 -18.88 18.97 2.49
CA LEU A 7 -18.87 18.59 3.90
C LEU A 7 -18.36 19.81 4.64
N GLU A 8 -18.83 20.02 5.86
CA GLU A 8 -18.35 21.13 6.64
C GLU A 8 -18.02 20.55 8.00
N LEU A 9 -16.77 20.72 8.42
CA LEU A 9 -16.31 20.18 9.68
C LEU A 9 -16.03 21.28 10.67
N LYS A 10 -16.40 21.04 11.93
CA LYS A 10 -16.19 21.99 13.01
C LYS A 10 -15.82 21.23 14.28
N GLY A 11 -14.55 21.31 14.67
CA GLY A 11 -14.11 20.61 15.86
C GLY A 11 -14.01 19.10 15.67
N PHE A 12 -14.03 18.67 14.40
CA PHE A 12 -13.97 17.23 14.10
C PHE A 12 -12.55 16.72 13.92
N LYS A 13 -12.14 15.84 14.84
CA LYS A 13 -10.83 15.23 14.80
C LYS A 13 -9.67 16.20 14.65
N SER A 14 -8.88 16.08 13.58
CA SER A 14 -7.71 16.94 13.40
C SER A 14 -7.99 18.28 12.73
N TYR A 15 -9.24 18.55 12.37
CA TYR A 15 -9.56 19.79 11.68
C TYR A 15 -9.74 21.05 12.51
N GLY A 16 -9.49 20.95 13.80
CA GLY A 16 -9.59 22.12 14.66
C GLY A 16 -10.97 22.73 14.77
N ASN A 17 -11.00 23.97 15.26
CA ASN A 17 -12.24 24.68 15.49
C ASN A 17 -12.90 25.41 14.31
N LYS A 18 -12.13 26.20 13.57
CA LYS A 18 -12.71 26.94 12.45
C LYS A 18 -13.38 26.00 11.43
N LYS A 19 -14.53 26.42 10.92
CA LYS A 19 -15.27 25.62 9.96
C LYS A 19 -14.39 25.33 8.75
N VAL A 20 -14.39 24.08 8.31
CA VAL A 20 -13.62 23.67 7.14
C VAL A 20 -14.61 23.18 6.10
N VAL A 21 -14.58 23.77 4.92
CA VAL A 21 -15.50 23.40 3.85
C VAL A 21 -14.80 22.52 2.84
N ILE A 22 -15.27 21.28 2.70
CA ILE A 22 -14.66 20.38 1.74
C ILE A 22 -15.66 20.07 0.62
N PRO A 23 -15.44 20.66 -0.57
CA PRO A 23 -16.29 20.48 -1.75
C PRO A 23 -15.90 19.24 -2.56
N PHE A 24 -16.87 18.68 -3.28
CA PHE A 24 -16.59 17.48 -4.08
C PHE A 24 -17.13 17.57 -5.50
N SER A 25 -16.37 17.01 -6.43
CA SER A 25 -16.77 16.96 -7.82
C SER A 25 -17.98 16.03 -7.92
N LYS A 26 -18.82 16.27 -8.92
CA LYS A 26 -19.99 15.45 -9.15
C LYS A 26 -19.46 14.08 -9.59
N GLY A 27 -18.22 14.06 -10.06
CA GLY A 27 -17.63 12.82 -10.52
C GLY A 27 -16.47 12.21 -9.73
N PHE A 28 -15.26 12.49 -10.18
CA PHE A 28 -14.04 11.93 -9.60
C PHE A 28 -13.16 12.92 -8.82
N THR A 29 -13.17 12.82 -7.50
CA THR A 29 -12.33 13.69 -6.67
C THR A 29 -11.24 12.88 -5.97
N ALA A 30 -10.00 13.33 -6.09
CA ALA A 30 -8.89 12.66 -5.43
C ALA A 30 -8.50 13.49 -4.22
N ILE A 31 -8.38 12.86 -3.06
CA ILE A 31 -7.98 13.57 -1.83
C ILE A 31 -6.50 13.24 -1.65
N VAL A 32 -5.66 14.26 -1.71
CA VAL A 32 -4.23 14.06 -1.60
C VAL A 32 -3.55 14.85 -0.50
N GLY A 33 -2.26 14.58 -0.30
CA GLY A 33 -1.51 15.25 0.73
C GLY A 33 -0.60 14.27 1.44
N ALA A 34 0.35 14.77 2.23
CA ALA A 34 1.31 13.94 2.94
C ALA A 34 0.73 13.03 4.02
N ASN A 35 1.52 12.05 4.43
CA ASN A 35 1.14 11.11 5.48
C ASN A 35 0.86 11.92 6.75
N GLY A 36 -0.21 11.59 7.46
CA GLY A 36 -0.53 12.27 8.69
C GLY A 36 -1.19 13.63 8.55
N SER A 37 -1.57 13.99 7.33
CA SER A 37 -2.21 15.29 7.08
C SER A 37 -3.66 15.39 7.51
N GLY A 38 -4.36 14.25 7.57
CA GLY A 38 -5.76 14.26 7.95
C GLY A 38 -6.67 13.81 6.83
N LYS A 39 -6.10 13.13 5.83
CA LYS A 39 -6.85 12.63 4.69
C LYS A 39 -7.94 11.61 5.05
N SER A 40 -7.55 10.56 5.77
CA SER A 40 -8.50 9.52 6.18
C SER A 40 -9.58 10.08 7.12
N ASN A 41 -9.25 11.13 7.85
CA ASN A 41 -10.22 11.72 8.74
C ASN A 41 -11.43 12.25 7.97
N ILE A 42 -11.24 12.61 6.70
CA ILE A 42 -12.35 13.09 5.89
C ILE A 42 -13.31 11.94 5.66
N GLY A 43 -12.77 10.73 5.49
CA GLY A 43 -13.59 9.56 5.30
C GLY A 43 -14.35 9.27 6.58
N ASP A 44 -13.70 9.46 7.72
CA ASP A 44 -14.37 9.23 8.99
C ASP A 44 -15.47 10.26 9.16
N ALA A 45 -15.25 11.47 8.65
CA ALA A 45 -16.25 12.53 8.78
C ALA A 45 -17.56 12.07 8.13
N ILE A 46 -17.43 11.43 6.97
CA ILE A 46 -18.58 10.93 6.23
C ILE A 46 -19.26 9.78 6.96
N LEU A 47 -18.48 8.92 7.61
CA LEU A 47 -19.04 7.81 8.37
C LEU A 47 -19.80 8.41 9.55
N PHE A 48 -19.23 9.47 10.11
CA PHE A 48 -19.82 10.15 11.26
C PHE A 48 -21.20 10.76 10.98
N VAL A 49 -21.31 11.55 9.91
CA VAL A 49 -22.60 12.17 9.60
C VAL A 49 -23.67 11.19 9.21
N LEU A 50 -23.27 10.10 8.56
CA LEU A 50 -24.24 9.10 8.13
C LEU A 50 -24.65 8.13 9.23
N GLY A 51 -24.36 8.51 10.47
CA GLY A 51 -24.75 7.69 11.61
C GLY A 51 -23.79 6.68 12.20
N GLY A 52 -22.52 6.70 11.81
CA GLY A 52 -21.57 5.74 12.34
C GLY A 52 -21.64 5.64 13.86
N LEU A 53 -21.64 4.43 14.40
CA LEU A 53 -21.71 4.25 15.85
C LEU A 53 -20.46 3.63 16.45
N SER A 54 -19.67 2.96 15.62
CA SER A 54 -18.45 2.30 16.09
C SER A 54 -17.26 3.24 16.19
N ALA A 55 -16.81 3.52 17.41
CA ALA A 55 -15.66 4.41 17.60
C ALA A 55 -14.47 3.82 16.84
N LYS A 56 -14.24 2.52 17.03
CA LYS A 56 -13.13 1.84 16.38
C LYS A 56 -13.18 2.01 14.86
N ALA A 57 -14.37 1.91 14.28
CA ALA A 57 -14.49 2.05 12.83
C ALA A 57 -13.95 3.40 12.35
N MSE A 58 -14.05 4.42 13.21
CA MSE A 58 -13.60 5.77 12.85
C MSE A 58 -12.28 6.10 13.54
O MSE A 58 -11.97 7.26 13.82
CB MSE A 58 -14.67 6.79 13.25
CG MSE A 58 -16.00 6.51 12.59
SE MSE A 58 -17.45 7.72 13.04
CE MSE A 58 -18.17 6.82 14.61
N ARG A 59 -11.51 5.06 13.82
CA ARG A 59 -10.21 5.18 14.47
C ARG A 59 -10.25 6.03 15.73
N ALA A 60 -11.22 5.76 16.60
CA ALA A 60 -11.32 6.49 17.85
C ALA A 60 -11.54 5.53 19.01
N SER A 61 -10.98 5.86 20.17
CA SER A 61 -11.13 5.02 21.36
C SER A 61 -12.59 4.97 21.78
N ARG A 62 -13.28 6.10 21.67
CA ARG A 62 -14.70 6.20 22.01
C ARG A 62 -15.22 7.40 21.21
N ILE A 63 -16.53 7.51 21.05
CA ILE A 63 -17.11 8.60 20.26
C ILE A 63 -16.61 10.01 20.61
N SER A 64 -16.52 10.35 21.89
CA SER A 64 -16.08 11.67 22.30
C SER A 64 -14.65 11.96 21.88
N ASP A 65 -13.93 10.89 21.55
CA ASP A 65 -12.55 11.00 21.11
C ASP A 65 -12.46 11.71 19.75
N LEU A 66 -13.58 11.79 19.04
CA LEU A 66 -13.61 12.44 17.73
C LEU A 66 -13.59 13.97 17.86
N ILE A 67 -13.71 14.48 19.08
CA ILE A 67 -13.70 15.91 19.27
C ILE A 67 -12.28 16.46 19.31
N PHE A 68 -11.98 17.37 18.40
CA PHE A 68 -10.67 18.01 18.32
C PHE A 68 -10.21 18.36 19.74
N ALA A 69 -9.01 17.92 20.08
CA ALA A 69 -8.47 18.13 21.42
C ALA A 69 -7.58 19.36 21.64
N GLY A 70 -7.55 20.26 20.67
CA GLY A 70 -6.72 21.43 20.85
C GLY A 70 -5.34 21.26 20.27
N SER A 71 -4.64 22.36 20.09
CA SER A 71 -3.31 22.33 19.52
C SER A 71 -2.51 23.53 19.99
N LYS A 72 -1.38 23.78 19.34
CA LYS A 72 -0.51 24.88 19.70
C LYS A 72 -1.27 26.21 19.69
N ASN A 73 -1.99 26.47 18.61
CA ASN A 73 -2.74 27.72 18.47
C ASN A 73 -4.24 27.65 18.79
N GLU A 74 -4.77 26.44 18.99
CA GLU A 74 -6.20 26.32 19.25
C GLU A 74 -6.54 25.52 20.49
N PRO A 75 -7.63 25.92 21.18
CA PRO A 75 -8.09 25.25 22.39
C PRO A 75 -8.96 24.04 22.03
N PRO A 76 -9.19 23.14 23.00
CA PRO A 76 -10.02 21.94 22.79
C PRO A 76 -11.38 22.39 22.29
N ALA A 77 -11.89 21.76 21.23
CA ALA A 77 -13.20 22.13 20.72
C ALA A 77 -14.26 21.79 21.76
N LYS A 78 -15.41 22.45 21.68
CA LYS A 78 -16.50 22.19 22.61
C LYS A 78 -17.34 21.03 22.15
N TYR A 79 -17.18 20.67 20.88
CA TYR A 79 -17.93 19.59 20.28
C TYR A 79 -17.39 19.30 18.89
N ALA A 80 -17.77 18.16 18.31
CA ALA A 80 -17.32 17.80 16.98
C ALA A 80 -18.56 17.80 16.11
N GLU A 81 -18.49 18.49 14.98
CA GLU A 81 -19.64 18.56 14.12
C GLU A 81 -19.32 18.40 12.65
N VAL A 82 -20.17 17.64 11.97
CA VAL A 82 -20.02 17.45 10.54
C VAL A 82 -21.38 17.66 9.90
N ALA A 83 -21.38 18.42 8.81
CA ALA A 83 -22.60 18.68 8.05
C ALA A 83 -22.28 18.23 6.63
N ILE A 84 -23.17 17.44 6.04
CA ILE A 84 -22.95 16.97 4.69
C ILE A 84 -24.09 17.48 3.81
N TYR A 85 -23.73 18.06 2.67
CA TYR A 85 -24.70 18.63 1.74
C TYR A 85 -24.89 17.75 0.51
N PHE A 86 -26.10 17.25 0.34
CA PHE A 86 -26.43 16.40 -0.80
C PHE A 86 -27.21 17.15 -1.88
N ASN A 87 -26.76 17.04 -3.12
CA ASN A 87 -27.46 17.65 -4.25
C ASN A 87 -28.61 16.67 -4.44
N ASN A 88 -29.84 17.16 -4.43
CA ASN A 88 -30.98 16.26 -4.57
C ASN A 88 -31.83 16.52 -5.81
N GLU A 89 -31.18 16.99 -6.87
CA GLU A 89 -31.88 17.29 -8.11
C GLU A 89 -32.53 16.05 -8.73
N ASP A 90 -31.92 14.89 -8.52
CA ASP A 90 -32.46 13.64 -9.06
C ASP A 90 -33.52 13.09 -8.11
N ARG A 91 -33.85 13.88 -7.09
CA ARG A 91 -34.84 13.51 -6.09
C ARG A 91 -34.67 12.14 -5.44
N GLY A 92 -33.42 11.66 -5.40
CA GLY A 92 -33.14 10.37 -4.79
C GLY A 92 -33.71 10.31 -3.38
N PHE A 93 -33.67 11.43 -2.66
CA PHE A 93 -34.20 11.50 -1.29
C PHE A 93 -35.70 11.79 -1.39
N PRO A 94 -36.50 11.22 -0.48
CA PRO A 94 -37.96 11.47 -0.49
C PRO A 94 -38.27 12.85 0.09
N ILE A 95 -37.59 13.86 -0.42
CA ILE A 95 -37.74 15.24 0.00
C ILE A 95 -37.73 16.10 -1.26
N ASP A 96 -38.79 16.87 -1.45
CA ASP A 96 -38.89 17.72 -2.63
C ASP A 96 -38.07 18.99 -2.48
N GLU A 97 -36.76 18.81 -2.40
CA GLU A 97 -35.83 19.93 -2.26
C GLU A 97 -34.56 19.61 -3.05
N ASP A 98 -34.02 20.63 -3.72
CA ASP A 98 -32.81 20.49 -4.52
C ASP A 98 -31.54 20.33 -3.69
N GLU A 99 -31.68 20.33 -2.37
CA GLU A 99 -30.53 20.22 -1.49
C GLU A 99 -30.90 19.64 -0.12
N VAL A 100 -30.42 18.44 0.17
CA VAL A 100 -30.68 17.82 1.46
C VAL A 100 -29.44 18.00 2.32
N VAL A 101 -29.63 18.40 3.57
CA VAL A 101 -28.51 18.64 4.47
C VAL A 101 -28.65 17.85 5.77
N ILE A 102 -27.66 17.03 6.07
CA ILE A 102 -27.68 16.25 7.30
C ILE A 102 -26.52 16.76 8.13
N ARG A 103 -26.78 16.96 9.42
CA ARG A 103 -25.77 17.47 10.31
C ARG A 103 -25.83 16.71 11.63
N ARG A 104 -24.65 16.29 12.08
CA ARG A 104 -24.54 15.57 13.33
C ARG A 104 -23.50 16.28 14.19
N ARG A 105 -23.79 16.37 15.47
CA ARG A 105 -22.90 17.00 16.43
C ARG A 105 -22.82 16.13 17.67
N VAL A 106 -21.62 15.98 18.23
CA VAL A 106 -21.49 15.18 19.44
C VAL A 106 -20.76 16.02 20.46
N TYR A 107 -21.17 15.90 21.72
CA TYR A 107 -20.54 16.66 22.80
C TYR A 107 -19.62 15.78 23.63
N PRO A 108 -18.81 16.38 24.51
CA PRO A 108 -17.88 15.61 25.35
C PRO A 108 -18.48 14.41 26.09
N ASP A 109 -19.79 14.43 26.33
CA ASP A 109 -20.44 13.33 27.04
C ASP A 109 -20.94 12.23 26.09
N GLY A 110 -20.56 12.33 24.82
CA GLY A 110 -20.96 11.34 23.84
C GLY A 110 -22.32 11.52 23.18
N ARG A 111 -23.13 12.42 23.71
CA ARG A 111 -24.45 12.65 23.17
C ARG A 111 -24.40 13.27 21.78
N SER A 112 -25.06 12.63 20.82
CA SER A 112 -25.11 13.14 19.45
C SER A 112 -26.47 13.74 19.16
N SER A 113 -26.48 14.76 18.30
CA SER A 113 -27.72 15.40 17.90
C SER A 113 -27.66 15.48 16.38
N TYR A 114 -28.79 15.23 15.73
CA TYR A 114 -28.87 15.26 14.27
C TYR A 114 -29.90 16.28 13.80
N TRP A 115 -29.76 16.71 12.54
CA TRP A 115 -30.68 17.66 11.94
C TRP A 115 -30.84 17.22 10.48
N LEU A 116 -32.03 17.45 9.94
CA LEU A 116 -32.31 17.12 8.55
C LEU A 116 -32.87 18.42 7.98
N ASN A 117 -32.17 19.01 7.01
CA ASN A 117 -32.57 20.27 6.39
C ASN A 117 -32.95 21.35 7.40
N GLY A 118 -32.21 21.43 8.51
CA GLY A 118 -32.51 22.44 9.50
C GLY A 118 -33.34 21.93 10.66
N ARG A 119 -34.33 21.07 10.39
CA ARG A 119 -35.17 20.52 11.45
C ARG A 119 -34.46 19.35 12.10
N ARG A 120 -34.42 19.36 13.43
CA ARG A 120 -33.73 18.28 14.11
C ARG A 120 -34.47 16.95 14.04
N ALA A 121 -33.71 15.90 13.74
CA ALA A 121 -34.23 14.55 13.60
C ALA A 121 -33.54 13.61 14.56
N THR A 122 -33.99 12.36 14.57
CA THR A 122 -33.42 11.31 15.42
C THR A 122 -32.49 10.46 14.55
N ARG A 123 -31.60 9.71 15.18
CA ARG A 123 -30.70 8.89 14.39
C ARG A 123 -31.49 7.98 13.45
N SER A 124 -32.48 7.26 14.00
CA SER A 124 -33.29 6.36 13.19
C SER A 124 -33.87 7.07 11.97
N GLU A 125 -34.37 8.29 12.18
CA GLU A 125 -34.94 9.05 11.07
C GLU A 125 -33.91 9.32 9.98
N ILE A 126 -32.66 9.57 10.39
CA ILE A 126 -31.60 9.85 9.44
C ILE A 126 -31.26 8.58 8.65
N LEU A 127 -31.23 7.45 9.33
CA LEU A 127 -30.92 6.20 8.64
C LEU A 127 -32.01 5.87 7.63
N ASP A 128 -33.28 6.06 8.03
CA ASP A 128 -34.41 5.76 7.14
C ASP A 128 -34.38 6.63 5.90
N ILE A 129 -34.05 7.91 6.08
CA ILE A 129 -33.99 8.81 4.94
C ILE A 129 -32.81 8.39 4.05
N LEU A 130 -31.73 7.96 4.69
CA LEU A 130 -30.55 7.53 3.94
C LEU A 130 -30.83 6.27 3.14
N THR A 131 -31.36 5.25 3.78
CA THR A 131 -31.66 4.02 3.07
C THR A 131 -32.64 4.35 1.94
N ALA A 132 -33.55 5.29 2.19
CA ALA A 132 -34.52 5.70 1.20
C ALA A 132 -33.84 6.22 -0.07
N ALA A 133 -32.72 6.92 0.10
CA ALA A 133 -31.96 7.47 -1.02
C ALA A 133 -30.95 6.42 -1.47
N MSE A 134 -30.98 5.27 -0.81
CA MSE A 134 -30.10 4.16 -1.11
C MSE A 134 -28.64 4.50 -0.90
O MSE A 134 -27.79 4.21 -1.74
CB MSE A 134 -30.35 3.67 -2.54
CG MSE A 134 -31.79 3.22 -2.76
SE MSE A 134 -32.08 2.52 -4.53
CE MSE A 134 -31.52 4.08 -5.56
N ILE A 135 -28.37 5.14 0.22
CA ILE A 135 -27.02 5.51 0.59
C ILE A 135 -26.65 4.70 1.82
N SER A 136 -25.66 3.84 1.66
CA SER A 136 -25.22 2.99 2.77
C SER A 136 -24.02 3.63 3.44
N PRO A 137 -24.16 3.96 4.73
CA PRO A 137 -23.06 4.57 5.48
C PRO A 137 -21.86 3.63 5.55
N ASP A 138 -22.13 2.33 5.51
CA ASP A 138 -21.07 1.32 5.56
C ASP A 138 -21.31 0.19 4.56
N GLY A 139 -21.90 0.53 3.42
CA GLY A 139 -22.15 -0.48 2.41
C GLY A 139 -20.85 -0.87 1.72
N TYR A 140 -20.96 -1.80 0.78
CA TYR A 140 -19.80 -2.25 0.03
C TYR A 140 -19.18 -1.09 -0.74
N ASN A 141 -19.94 0.00 -0.91
CA ASN A 141 -19.46 1.16 -1.66
C ASN A 141 -18.39 1.96 -0.91
N ILE A 142 -18.25 1.71 0.39
CA ILE A 142 -17.25 2.40 1.20
C ILE A 142 -16.04 1.47 1.41
N VAL A 143 -14.94 1.73 0.70
CA VAL A 143 -13.76 0.90 0.84
C VAL A 143 -12.62 1.61 1.57
N LEU A 144 -12.56 1.45 2.88
CA LEU A 144 -11.53 2.07 3.69
C LEU A 144 -10.26 1.22 3.69
N GLN A 145 -9.20 1.71 4.33
CA GLN A 145 -7.97 0.95 4.35
C GLN A 145 -8.20 -0.39 5.02
N GLY A 146 -7.87 -1.46 4.32
CA GLY A 146 -8.05 -2.81 4.85
C GLY A 146 -9.32 -3.50 4.39
N ASP A 147 -10.22 -2.77 3.73
CA ASP A 147 -11.46 -3.38 3.27
C ASP A 147 -11.23 -4.31 2.07
N ILE A 148 -10.10 -4.17 1.41
CA ILE A 148 -9.80 -5.04 0.28
C ILE A 148 -9.41 -6.45 0.78
N THR A 149 -8.67 -6.51 1.89
CA THR A 149 -8.29 -7.80 2.46
C THR A 149 -9.57 -8.48 2.98
N LYS A 150 -10.70 -7.76 2.92
CA LYS A 150 -11.98 -8.30 3.36
C LYS A 150 -12.78 -8.88 2.19
N PHE A 151 -12.84 -8.17 1.07
CA PHE A 151 -13.57 -8.69 -0.09
C PHE A 151 -12.91 -10.00 -0.51
N ILE A 152 -11.69 -10.21 -0.03
CA ILE A 152 -10.91 -11.40 -0.33
C ILE A 152 -11.11 -12.51 0.69
N LYS A 153 -11.00 -12.18 1.97
CA LYS A 153 -11.18 -13.15 3.04
C LYS A 153 -12.64 -13.51 3.27
N MSE A 154 -13.52 -12.71 2.69
CA MSE A 154 -14.96 -12.92 2.79
C MSE A 154 -15.31 -14.34 2.37
O MSE A 154 -14.81 -14.85 1.37
CB MSE A 154 -15.64 -11.91 1.87
CG MSE A 154 -17.14 -11.86 1.95
SE MSE A 154 -17.75 -10.50 0.72
CE MSE A 154 -17.29 -8.94 1.79
N SER A 155 -16.19 -14.99 3.14
CA SER A 155 -16.59 -16.35 2.83
C SER A 155 -17.53 -16.37 1.64
N PRO A 156 -17.64 -17.52 0.97
CA PRO A 156 -18.54 -17.56 -0.19
C PRO A 156 -19.99 -17.23 0.22
N LEU A 157 -20.42 -17.66 1.41
CA LEU A 157 -21.78 -17.37 1.83
C LEU A 157 -21.97 -15.87 2.07
N GLU A 158 -20.98 -15.24 2.70
CA GLU A 158 -21.05 -13.81 2.96
C GLU A 158 -21.18 -13.07 1.63
N ARG A 159 -20.37 -13.51 0.67
CA ARG A 159 -20.36 -12.89 -0.66
C ARG A 159 -21.71 -13.01 -1.37
N ARG A 160 -22.34 -14.18 -1.32
CA ARG A 160 -23.64 -14.32 -1.99
C ARG A 160 -24.69 -13.51 -1.22
N LEU A 161 -24.55 -13.44 0.10
CA LEU A 161 -25.49 -12.68 0.90
C LEU A 161 -25.46 -11.22 0.46
N LEU A 162 -24.29 -10.74 0.08
CA LEU A 162 -24.11 -9.37 -0.37
C LEU A 162 -24.96 -9.16 -1.62
N ILE A 163 -24.98 -10.16 -2.50
CA ILE A 163 -25.75 -10.06 -3.73
C ILE A 163 -27.24 -10.16 -3.41
N ASP A 164 -27.62 -11.02 -2.46
CA ASP A 164 -29.02 -11.15 -2.09
C ASP A 164 -29.51 -9.74 -1.84
N ASP A 165 -28.78 -9.04 -0.96
CA ASP A 165 -29.11 -7.68 -0.59
C ASP A 165 -29.25 -6.74 -1.78
N ILE A 166 -28.27 -6.78 -2.69
CA ILE A 166 -28.29 -5.93 -3.87
C ILE A 166 -29.39 -6.29 -4.87
N SER A 167 -29.88 -7.52 -4.82
CA SER A 167 -30.95 -7.95 -5.72
C SER A 167 -32.30 -7.47 -5.20
N GLY A 168 -32.42 -7.36 -3.88
CA GLY A 168 -33.66 -6.92 -3.27
C GLY A 168 -34.46 -8.07 -2.68
N ILE A 169 -33.75 -9.07 -2.18
CA ILE A 169 -34.38 -10.26 -1.59
C ILE A 169 -34.97 -11.12 -2.70
N LYS A 184 -39.98 -18.49 -3.79
CA LYS A 184 -40.68 -19.00 -4.97
C LYS A 184 -40.06 -18.48 -6.26
N GLU A 185 -40.45 -17.27 -6.65
CA GLU A 185 -39.92 -16.65 -7.85
C GLU A 185 -38.81 -15.68 -7.49
N LYS A 186 -38.38 -15.72 -6.23
CA LYS A 186 -37.30 -14.85 -5.77
C LYS A 186 -35.99 -15.31 -6.39
N LYS A 187 -35.88 -16.61 -6.65
CA LYS A 187 -34.67 -17.16 -7.26
C LYS A 187 -34.44 -16.48 -8.60
N ASN A 188 -35.52 -16.26 -9.34
CA ASN A 188 -35.45 -15.63 -10.66
C ASN A 188 -34.88 -14.22 -10.60
N VAL A 189 -35.30 -13.46 -9.58
CA VAL A 189 -34.82 -12.09 -9.41
C VAL A 189 -33.32 -12.15 -9.12
N PHE A 190 -32.97 -12.97 -8.13
CA PHE A 190 -31.58 -13.13 -7.73
C PHE A 190 -30.73 -13.48 -8.95
N MSE A 191 -31.10 -14.55 -9.64
CA MSE A 191 -30.38 -14.99 -10.82
C MSE A 191 -30.28 -13.87 -11.84
O MSE A 191 -29.26 -13.70 -12.49
CB MSE A 191 -31.08 -16.19 -11.45
CG MSE A 191 -30.99 -17.44 -10.62
SE MSE A 191 -29.15 -17.92 -10.28
CE MSE A 191 -28.52 -18.00 -12.10
N ARG A 192 -31.35 -13.11 -11.97
CA ARG A 192 -31.38 -12.01 -12.92
C ARG A 192 -30.24 -11.03 -12.64
N THR A 193 -30.17 -10.53 -11.41
CA THR A 193 -29.12 -9.59 -11.05
C THR A 193 -27.74 -10.27 -10.99
N PHE A 194 -27.71 -11.54 -10.64
CA PHE A 194 -26.45 -12.26 -10.57
C PHE A 194 -25.83 -12.44 -11.95
N GLU A 195 -26.66 -12.77 -12.93
CA GLU A 195 -26.17 -12.98 -14.29
C GLU A 195 -25.57 -11.69 -14.81
N ALA A 196 -26.16 -10.57 -14.41
CA ALA A 196 -25.69 -9.24 -14.84
C ALA A 196 -24.35 -8.87 -14.20
N ILE A 197 -24.33 -8.91 -12.87
CA ILE A 197 -23.12 -8.58 -12.12
C ILE A 197 -21.99 -9.52 -12.51
N SER A 198 -22.30 -10.80 -12.71
CA SER A 198 -21.29 -11.77 -13.11
C SER A 198 -20.66 -11.36 -14.44
N ARG A 199 -21.48 -10.92 -15.37
CA ARG A 199 -21.01 -10.50 -16.69
C ARG A 199 -20.16 -9.24 -16.56
N ASN A 200 -20.62 -8.30 -15.73
CA ASN A 200 -19.88 -7.06 -15.50
C ASN A 200 -18.50 -7.41 -14.94
N PHE A 201 -18.49 -8.34 -14.00
CA PHE A 201 -17.25 -8.78 -13.37
C PHE A 201 -16.26 -9.35 -14.39
N SER A 202 -16.74 -10.19 -15.31
CA SER A 202 -15.88 -10.78 -16.32
C SER A 202 -15.31 -9.72 -17.27
N GLU A 203 -16.19 -8.83 -17.74
CA GLU A 203 -15.76 -7.77 -18.63
C GLU A 203 -14.78 -6.84 -17.93
N ILE A 204 -15.16 -6.38 -16.74
CA ILE A 204 -14.32 -5.47 -16.00
C ILE A 204 -12.97 -6.07 -15.63
N PHE A 205 -12.94 -7.35 -15.24
CA PHE A 205 -11.68 -7.98 -14.88
C PHE A 205 -10.75 -8.09 -16.09
N ALA A 206 -11.28 -8.53 -17.22
CA ALA A 206 -10.46 -8.67 -18.43
C ALA A 206 -9.75 -7.35 -18.73
N LYS A 207 -10.48 -6.25 -18.60
CA LYS A 207 -9.96 -4.92 -18.86
C LYS A 207 -8.89 -4.51 -17.84
N LEU A 208 -9.09 -4.91 -16.59
CA LEU A 208 -8.17 -4.60 -15.50
C LEU A 208 -6.96 -5.51 -15.50
N SER A 209 -7.11 -6.69 -16.12
CA SER A 209 -6.02 -7.64 -16.18
C SER A 209 -5.92 -8.23 -17.60
N PRO A 210 -5.35 -7.45 -18.54
CA PRO A 210 -5.17 -7.83 -19.94
C PRO A 210 -4.69 -9.25 -20.15
N GLY A 211 -5.37 -9.98 -21.03
CA GLY A 211 -5.00 -11.36 -21.32
C GLY A 211 -5.56 -12.33 -20.30
N GLY A 212 -6.21 -11.79 -19.27
CA GLY A 212 -6.77 -12.65 -18.24
C GLY A 212 -8.27 -12.57 -18.22
N SER A 213 -8.90 -13.38 -17.39
CA SER A 213 -10.35 -13.39 -17.27
C SER A 213 -10.74 -13.89 -15.90
N ALA A 214 -12.01 -13.71 -15.55
CA ALA A 214 -12.51 -14.17 -14.26
C ALA A 214 -14.01 -14.18 -14.32
N ARG A 215 -14.64 -14.89 -13.39
CA ARG A 215 -16.09 -14.92 -13.37
C ARG A 215 -16.60 -15.33 -12.00
N LEU A 216 -17.88 -15.07 -11.76
CA LEU A 216 -18.51 -15.44 -10.50
C LEU A 216 -19.18 -16.78 -10.68
N ILE A 217 -19.13 -17.61 -9.64
CA ILE A 217 -19.73 -18.93 -9.68
C ILE A 217 -20.53 -19.27 -8.43
N LEU A 218 -21.74 -19.78 -8.64
CA LEU A 218 -22.61 -20.17 -7.53
C LEU A 218 -22.30 -21.63 -7.16
N GLU A 219 -22.15 -21.90 -5.86
CA GLU A 219 -21.84 -23.25 -5.42
C GLU A 219 -22.99 -24.20 -5.75
N ASN A 220 -24.21 -23.73 -5.53
CA ASN A 220 -25.39 -24.54 -5.84
C ASN A 220 -26.20 -23.75 -6.86
N PRO A 221 -25.75 -23.75 -8.12
CA PRO A 221 -26.44 -23.02 -9.19
C PRO A 221 -27.92 -23.34 -9.36
N GLU A 222 -28.35 -24.51 -8.90
CA GLU A 222 -29.74 -24.89 -9.03
C GLU A 222 -30.56 -24.33 -7.87
N ASP A 223 -29.92 -24.23 -6.71
CA ASP A 223 -30.55 -23.68 -5.51
C ASP A 223 -29.57 -22.72 -4.84
N PRO A 224 -29.37 -21.54 -5.46
CA PRO A 224 -28.49 -20.44 -5.06
C PRO A 224 -28.39 -20.16 -3.57
N PHE A 225 -29.54 -19.96 -2.94
CA PHE A 225 -29.56 -19.64 -1.52
C PHE A 225 -29.03 -20.72 -0.59
N SER A 226 -28.76 -21.89 -1.13
CA SER A 226 -28.23 -22.99 -0.32
C SER A 226 -26.70 -23.05 -0.38
N GLY A 227 -26.11 -22.19 -1.21
CA GLY A 227 -24.67 -22.19 -1.33
C GLY A 227 -24.09 -20.80 -1.36
N GLY A 228 -22.78 -20.74 -1.55
CA GLY A 228 -22.09 -19.47 -1.60
C GLY A 228 -21.87 -18.96 -3.01
N LEU A 229 -21.16 -17.85 -3.09
CA LEU A 229 -20.83 -17.19 -4.36
C LEU A 229 -19.31 -17.12 -4.38
N GLU A 230 -18.70 -17.86 -5.30
CA GLU A 230 -17.25 -17.86 -5.39
C GLU A 230 -16.69 -17.05 -6.55
N ILE A 231 -15.38 -16.84 -6.51
CA ILE A 231 -14.70 -16.10 -7.56
C ILE A 231 -13.65 -17.01 -8.20
N GLU A 232 -13.70 -17.13 -9.52
CA GLU A 232 -12.71 -17.95 -10.23
C GLU A 232 -11.90 -16.98 -11.10
N ALA A 233 -10.63 -16.80 -10.75
CA ALA A 233 -9.80 -15.87 -11.50
C ALA A 233 -8.66 -16.53 -12.27
N LYS A 234 -8.42 -16.01 -13.47
CA LYS A 234 -7.36 -16.46 -14.36
C LYS A 234 -6.70 -15.13 -14.73
N PRO A 235 -5.90 -14.56 -13.81
CA PRO A 235 -5.17 -13.30 -13.92
C PRO A 235 -4.58 -12.89 -15.26
N ALA A 236 -3.47 -13.48 -15.66
CA ALA A 236 -2.89 -13.10 -16.94
C ALA A 236 -2.92 -14.24 -17.92
N GLY A 237 -3.26 -15.43 -17.42
CA GLY A 237 -3.32 -16.59 -18.28
C GLY A 237 -4.68 -17.26 -18.34
N LYS A 238 -4.66 -18.56 -18.62
CA LYS A 238 -5.88 -19.35 -18.72
C LYS A 238 -5.89 -20.36 -17.58
N ASP A 239 -4.95 -20.20 -16.65
CA ASP A 239 -4.84 -21.09 -15.50
C ASP A 239 -5.46 -20.45 -14.27
N VAL A 240 -6.30 -21.20 -13.57
CA VAL A 240 -6.96 -20.70 -12.38
C VAL A 240 -5.92 -20.46 -11.29
N LYS A 241 -6.36 -19.90 -10.17
CA LYS A 241 -5.46 -19.59 -9.05
C LYS A 241 -6.34 -19.07 -7.93
N ARG A 242 -6.37 -19.77 -6.79
CA ARG A 242 -7.18 -19.34 -5.66
C ARG A 242 -6.87 -17.87 -5.35
N ILE A 243 -7.90 -17.07 -5.10
CA ILE A 243 -7.66 -15.65 -4.81
C ILE A 243 -6.80 -15.51 -3.55
N GLU A 244 -6.93 -16.45 -2.63
CA GLU A 244 -6.14 -16.42 -1.40
C GLU A 244 -4.66 -16.54 -1.70
N ALA A 245 -4.33 -17.05 -2.87
CA ALA A 245 -2.93 -17.26 -3.25
C ALA A 245 -2.34 -16.14 -4.09
N MSE A 246 -3.13 -15.12 -4.40
CA MSE A 246 -2.63 -13.99 -5.18
C MSE A 246 -1.83 -13.09 -4.27
O MSE A 246 -1.80 -13.28 -3.05
CB MSE A 246 -3.78 -13.18 -5.77
CG MSE A 246 -4.77 -13.97 -6.58
SE MSE A 246 -6.28 -12.89 -7.16
CE MSE A 246 -6.46 -13.55 -8.97
N SER A 247 -1.15 -12.11 -4.86
CA SER A 247 -0.39 -11.18 -4.04
C SER A 247 -1.32 -9.98 -3.81
N GLY A 248 -0.87 -9.02 -3.01
CA GLY A 248 -1.68 -7.85 -2.72
C GLY A 248 -2.27 -7.18 -3.94
N GLY A 249 -1.41 -6.93 -4.93
CA GLY A 249 -1.84 -6.28 -6.16
C GLY A 249 -3.01 -6.94 -6.87
N GLU A 250 -2.92 -8.24 -7.10
CA GLU A 250 -3.98 -8.96 -7.78
C GLU A 250 -5.25 -9.03 -6.95
N LYS A 251 -5.09 -9.10 -5.63
CA LYS A 251 -6.23 -9.16 -4.73
C LYS A 251 -6.99 -7.85 -4.83
N ALA A 252 -6.25 -6.74 -4.80
CA ALA A 252 -6.84 -5.43 -4.91
C ALA A 252 -7.66 -5.34 -6.21
N LEU A 253 -7.02 -5.60 -7.35
CA LEU A 253 -7.71 -5.56 -8.64
C LEU A 253 -8.98 -6.39 -8.64
N THR A 254 -8.87 -7.59 -8.09
CA THR A 254 -9.99 -8.51 -8.05
C THR A 254 -11.15 -7.93 -7.23
N ALA A 255 -10.83 -7.36 -6.08
CA ALA A 255 -11.85 -6.76 -5.22
C ALA A 255 -12.46 -5.57 -5.94
N LEU A 256 -11.62 -4.79 -6.60
CA LEU A 256 -12.11 -3.64 -7.33
C LEU A 256 -13.01 -4.07 -8.48
N ALA A 257 -12.63 -5.11 -9.22
CA ALA A 257 -13.43 -5.60 -10.34
C ALA A 257 -14.81 -5.97 -9.81
N PHE A 258 -14.87 -6.62 -8.65
CA PHE A 258 -16.13 -7.02 -8.04
C PHE A 258 -16.95 -5.80 -7.65
N VAL A 259 -16.31 -4.82 -7.00
CA VAL A 259 -17.01 -3.61 -6.57
C VAL A 259 -17.60 -2.87 -7.76
N PHE A 260 -16.80 -2.71 -8.81
CA PHE A 260 -17.24 -2.04 -10.01
C PHE A 260 -18.29 -2.85 -10.77
N ALA A 261 -18.18 -4.17 -10.71
CA ALA A 261 -19.15 -5.01 -11.39
C ALA A 261 -20.51 -4.75 -10.78
N ILE A 262 -20.53 -4.49 -9.47
CA ILE A 262 -21.78 -4.21 -8.81
C ILE A 262 -22.29 -2.82 -9.20
N GLN A 263 -21.41 -1.81 -9.17
CA GLN A 263 -21.80 -0.45 -9.50
C GLN A 263 -22.29 -0.31 -10.93
N LYS A 264 -21.77 -1.12 -11.84
CA LYS A 264 -22.18 -1.04 -13.23
C LYS A 264 -23.63 -1.49 -13.35
N PHE A 265 -24.03 -2.40 -12.46
CA PHE A 265 -25.39 -2.90 -12.47
C PHE A 265 -26.34 -1.99 -11.70
N LYS A 266 -25.90 -1.54 -10.53
CA LYS A 266 -26.71 -0.67 -9.67
C LYS A 266 -25.80 0.42 -9.10
N PRO A 267 -25.66 1.54 -9.82
CA PRO A 267 -24.81 2.66 -9.39
C PRO A 267 -25.21 3.29 -8.07
N ALA A 268 -24.35 3.16 -7.06
CA ALA A 268 -24.61 3.76 -5.76
C ALA A 268 -24.37 5.24 -5.92
N PRO A 269 -25.05 6.07 -5.13
CA PRO A 269 -24.86 7.52 -5.23
C PRO A 269 -23.38 7.91 -5.16
N PHE A 270 -22.63 7.28 -4.25
CA PHE A 270 -21.21 7.60 -4.14
C PHE A 270 -20.36 6.47 -3.57
N TYR A 271 -19.09 6.49 -3.97
CA TYR A 271 -18.12 5.50 -3.53
C TYR A 271 -16.96 6.23 -2.85
N LEU A 272 -16.52 5.71 -1.71
CA LEU A 272 -15.40 6.29 -0.98
C LEU A 272 -14.29 5.24 -0.96
N PHE A 273 -13.12 5.59 -1.51
CA PHE A 273 -11.97 4.68 -1.56
C PHE A 273 -10.80 5.31 -0.82
N ASP A 274 -10.24 4.56 0.13
CA ASP A 274 -9.11 5.04 0.90
C ASP A 274 -7.86 4.22 0.56
N GLU A 275 -7.03 4.78 -0.31
CA GLU A 275 -5.78 4.14 -0.73
C GLU A 275 -5.93 2.71 -1.21
N ILE A 276 -6.94 2.48 -2.04
CA ILE A 276 -7.18 1.16 -2.60
C ILE A 276 -6.12 0.82 -3.66
N ASP A 277 -5.19 1.74 -3.88
CA ASP A 277 -4.13 1.55 -4.87
C ASP A 277 -2.76 1.38 -4.23
N ALA A 278 -2.74 1.21 -2.91
CA ALA A 278 -1.50 1.03 -2.15
C ALA A 278 -0.63 -0.09 -2.73
N HIS A 279 -1.27 -1.17 -3.16
CA HIS A 279 -0.55 -2.31 -3.70
C HIS A 279 -0.66 -2.50 -5.21
N LEU A 280 -1.00 -1.44 -5.93
CA LEU A 280 -1.12 -1.53 -7.39
C LEU A 280 0.12 -0.96 -8.08
N ASP A 281 0.61 -1.61 -9.13
CA ASP A 281 1.76 -1.07 -9.83
C ASP A 281 1.22 0.11 -10.63
N ASP A 282 2.10 0.94 -11.19
CA ASP A 282 1.63 2.12 -11.91
C ASP A 282 0.68 1.89 -13.08
N ALA A 283 0.86 0.78 -13.80
CA ALA A 283 -0.03 0.49 -14.93
C ALA A 283 -1.43 0.15 -14.43
N ASN A 284 -1.50 -0.51 -13.28
CA ASN A 284 -2.81 -0.87 -12.72
C ASN A 284 -3.48 0.33 -12.07
N VAL A 285 -2.69 1.29 -11.60
CA VAL A 285 -3.26 2.50 -11.02
C VAL A 285 -3.96 3.22 -12.17
N LYS A 286 -3.30 3.23 -13.32
CA LYS A 286 -3.82 3.86 -14.51
C LYS A 286 -5.13 3.20 -14.98
N ARG A 287 -5.15 1.86 -15.06
CA ARG A 287 -6.35 1.14 -15.49
C ARG A 287 -7.47 1.38 -14.50
N VAL A 288 -7.15 1.33 -13.22
CA VAL A 288 -8.16 1.54 -12.20
C VAL A 288 -8.68 2.98 -12.31
N ALA A 289 -7.76 3.93 -12.49
CA ALA A 289 -8.14 5.33 -12.61
C ALA A 289 -9.08 5.53 -13.79
N ASP A 290 -8.78 4.87 -14.92
CA ASP A 290 -9.65 5.01 -16.10
C ASP A 290 -11.01 4.40 -15.83
N LEU A 291 -11.04 3.31 -15.07
CA LEU A 291 -12.31 2.67 -14.75
C LEU A 291 -13.16 3.59 -13.85
N ILE A 292 -12.50 4.30 -12.94
CA ILE A 292 -13.18 5.23 -12.04
C ILE A 292 -13.81 6.37 -12.83
N LYS A 293 -13.07 6.90 -13.81
CA LYS A 293 -13.57 7.98 -14.64
C LYS A 293 -14.82 7.51 -15.39
N GLU A 294 -14.67 6.44 -16.17
CA GLU A 294 -15.78 5.88 -16.93
C GLU A 294 -16.98 5.64 -16.02
N SER A 295 -16.73 5.21 -14.78
CA SER A 295 -17.81 4.95 -13.84
C SER A 295 -18.34 6.25 -13.24
N SER A 296 -17.53 7.30 -13.28
CA SER A 296 -17.90 8.62 -12.76
C SER A 296 -19.18 9.16 -13.37
N LYS A 297 -19.52 8.68 -14.55
CA LYS A 297 -20.71 9.14 -15.25
C LYS A 297 -22.00 8.73 -14.54
N GLU A 298 -21.96 7.62 -13.80
CA GLU A 298 -23.15 7.14 -13.12
C GLU A 298 -23.10 7.27 -11.59
N SER A 299 -21.90 7.36 -11.04
CA SER A 299 -21.74 7.49 -9.59
C SER A 299 -20.63 8.47 -9.27
N GLN A 300 -20.67 9.00 -8.05
CA GLN A 300 -19.66 9.93 -7.57
C GLN A 300 -18.54 9.12 -6.89
N PHE A 301 -17.29 9.49 -7.17
CA PHE A 301 -16.16 8.78 -6.59
C PHE A 301 -15.23 9.70 -5.79
N ILE A 302 -15.05 9.39 -4.52
CA ILE A 302 -14.16 10.16 -3.64
C ILE A 302 -12.99 9.20 -3.33
N VAL A 303 -11.80 9.53 -3.85
CA VAL A 303 -10.62 8.68 -3.71
C VAL A 303 -9.39 9.28 -2.99
N ILE A 304 -9.03 8.71 -1.84
CA ILE A 304 -7.85 9.16 -1.10
C ILE A 304 -6.68 8.39 -1.68
N THR A 305 -5.66 9.09 -2.17
CA THR A 305 -4.51 8.42 -2.79
C THR A 305 -3.17 9.11 -2.55
N LEU A 306 -2.10 8.34 -2.74
CA LEU A 306 -0.74 8.84 -2.57
C LEU A 306 0.00 8.68 -3.90
N ARG A 307 -0.72 8.17 -4.90
CA ARG A 307 -0.14 7.94 -6.22
C ARG A 307 -0.33 9.04 -7.25
N ASP A 308 0.77 9.50 -7.83
CA ASP A 308 0.73 10.54 -8.87
C ASP A 308 -0.27 10.19 -9.97
N VAL A 309 -0.19 8.96 -10.46
CA VAL A 309 -1.06 8.52 -11.53
C VAL A 309 -2.56 8.63 -11.25
N MSE A 310 -2.99 8.29 -10.04
CA MSE A 310 -4.40 8.35 -9.67
C MSE A 310 -4.88 9.80 -9.60
O MSE A 310 -5.95 10.15 -10.11
CB MSE A 310 -4.61 7.67 -8.33
CG MSE A 310 -6.04 7.65 -7.82
SE MSE A 310 -7.19 6.50 -8.88
CE MSE A 310 -6.65 4.79 -8.13
N MSE A 311 -4.07 10.62 -8.97
CA MSE A 311 -4.32 12.03 -8.78
C MSE A 311 -4.44 12.78 -10.11
O MSE A 311 -5.38 13.53 -10.34
CB MSE A 311 -3.18 12.61 -7.95
CG MSE A 311 -3.27 14.06 -7.56
SE MSE A 311 -1.54 14.61 -6.79
CE MSE A 311 -1.14 13.01 -5.72
N ALA A 312 -3.48 12.56 -10.99
CA ALA A 312 -3.44 13.21 -12.29
C ALA A 312 -4.65 12.91 -13.15
N ASN A 313 -5.44 11.93 -12.74
CA ASN A 313 -6.60 11.55 -13.52
C ASN A 313 -7.94 12.00 -12.98
N ALA A 314 -7.93 12.65 -11.81
CA ALA A 314 -9.17 13.12 -11.19
C ALA A 314 -9.69 14.43 -11.78
N ASP A 315 -11.01 14.65 -11.66
CA ASP A 315 -11.62 15.88 -12.16
C ASP A 315 -11.20 17.03 -11.24
N LYS A 316 -11.43 16.83 -9.95
CA LYS A 316 -11.08 17.83 -8.94
C LYS A 316 -10.21 17.18 -7.86
N ILE A 317 -9.35 17.97 -7.24
CA ILE A 317 -8.46 17.47 -6.21
C ILE A 317 -8.64 18.26 -4.93
N ILE A 318 -8.70 17.53 -3.81
CA ILE A 318 -8.82 18.14 -2.50
C ILE A 318 -7.47 17.93 -1.83
N GLY A 319 -6.72 19.02 -1.64
CA GLY A 319 -5.41 18.94 -1.01
C GLY A 319 -5.49 19.11 0.50
N VAL A 320 -4.93 18.17 1.25
CA VAL A 320 -4.97 18.22 2.70
C VAL A 320 -3.57 18.49 3.26
N SER A 321 -3.48 19.43 4.19
CA SER A 321 -2.20 19.76 4.81
C SER A 321 -2.40 20.11 6.27
N MSE A 322 -1.32 20.12 7.03
CA MSE A 322 -1.42 20.48 8.42
C MSE A 322 -0.77 21.83 8.71
O MSE A 322 -0.14 22.45 7.84
CB MSE A 322 -0.77 19.41 9.31
CG MSE A 322 -1.70 18.25 9.64
SE MSE A 322 -1.30 17.49 11.37
CE MSE A 322 -3.11 17.12 11.96
N ARG A 323 -0.96 22.30 9.94
CA ARG A 323 -0.45 23.58 10.40
C ARG A 323 -0.42 23.51 11.92
N ASP A 324 0.67 22.98 12.47
CA ASP A 324 0.80 22.89 13.92
C ASP A 324 -0.24 21.98 14.55
N GLY A 325 -0.44 20.82 13.93
CA GLY A 325 -1.40 19.86 14.44
C GLY A 325 -2.80 20.07 13.91
N VAL A 326 -2.99 21.08 13.06
CA VAL A 326 -4.33 21.36 12.53
C VAL A 326 -4.48 21.16 11.02
N SER A 327 -5.39 20.28 10.62
CA SER A 327 -5.64 20.02 9.19
C SER A 327 -6.42 21.14 8.50
N LYS A 328 -6.25 21.25 7.19
CA LYS A 328 -6.93 22.23 6.37
C LYS A 328 -6.93 21.71 4.93
N VAL A 329 -7.84 22.23 4.11
CA VAL A 329 -7.90 21.77 2.73
C VAL A 329 -7.87 22.93 1.74
N VAL A 330 -7.55 22.60 0.49
CA VAL A 330 -7.52 23.55 -0.60
C VAL A 330 -8.10 22.74 -1.76
N SER A 331 -9.14 23.28 -2.39
CA SER A 331 -9.79 22.58 -3.50
C SER A 331 -9.37 23.12 -4.86
N LEU A 332 -9.09 22.22 -5.79
CA LEU A 332 -8.66 22.59 -7.13
C LEU A 332 -9.45 21.86 -8.22
N SER A 333 -9.90 22.60 -9.23
CA SER A 333 -10.65 22.01 -10.34
C SER A 333 -9.72 21.90 -11.55
N LEU A 334 -9.33 20.68 -11.90
CA LEU A 334 -8.43 20.48 -13.02
C LEU A 334 -9.00 21.02 -14.32
N GLU A 335 -10.33 21.12 -14.41
CA GLU A 335 -10.97 21.64 -15.62
C GLU A 335 -10.73 23.14 -15.71
N LYS A 336 -11.25 23.88 -14.72
CA LYS A 336 -11.08 25.33 -14.69
C LYS A 336 -9.61 25.73 -14.54
N ALA A 337 -8.74 24.75 -14.37
CA ALA A 337 -7.32 25.03 -14.24
C ALA A 337 -6.71 25.06 -15.64
N MSE A 338 -7.54 24.78 -16.63
CA MSE A 338 -7.12 24.77 -18.02
C MSE A 338 -7.70 26.00 -18.75
O MSE A 338 -8.66 25.82 -19.52
CB MSE A 338 -7.60 23.48 -18.70
CG MSE A 338 -7.14 22.18 -18.02
SE MSE A 338 -5.28 21.60 -18.30
CE MSE A 338 -5.59 20.05 -19.41
N PRO B 2 26.46 -12.96 8.70
CA PRO B 2 26.41 -13.56 7.35
C PRO B 2 25.34 -12.92 6.46
N TYR B 3 25.49 -13.08 5.15
CA TYR B 3 24.50 -12.53 4.24
C TYR B 3 24.16 -13.49 3.12
N ILE B 4 23.01 -13.28 2.51
CA ILE B 4 22.56 -14.15 1.43
C ILE B 4 23.27 -13.78 0.13
N GLU B 5 23.95 -14.74 -0.47
CA GLU B 5 24.63 -14.50 -1.71
C GLU B 5 23.69 -14.77 -2.89
N LYS B 6 22.81 -15.75 -2.75
CA LYS B 6 21.88 -16.05 -3.83
C LYS B 6 20.88 -17.10 -3.41
N LEU B 7 19.81 -17.21 -4.21
CA LEU B 7 18.74 -18.17 -4.01
C LEU B 7 18.58 -19.00 -5.27
N GLU B 8 18.21 -20.26 -5.11
CA GLU B 8 17.99 -21.14 -6.26
C GLU B 8 16.65 -21.81 -6.10
N LEU B 9 15.76 -21.55 -7.04
CA LEU B 9 14.43 -22.13 -7.01
C LEU B 9 14.18 -23.16 -8.11
N LYS B 10 13.56 -24.27 -7.74
CA LYS B 10 13.23 -25.31 -8.70
C LYS B 10 11.84 -25.87 -8.37
N GLY B 11 10.92 -25.71 -9.30
CA GLY B 11 9.57 -26.19 -9.12
C GLY B 11 8.89 -25.54 -7.93
N PHE B 12 9.32 -24.34 -7.57
CA PHE B 12 8.76 -23.63 -6.43
C PHE B 12 7.74 -22.58 -6.83
N LYS B 13 6.50 -22.81 -6.42
CA LYS B 13 5.39 -21.91 -6.71
C LYS B 13 5.31 -21.49 -8.18
N SER B 14 5.41 -20.20 -8.46
CA SER B 14 5.29 -19.74 -9.84
C SER B 14 6.55 -19.76 -10.69
N TYR B 15 7.63 -20.34 -10.17
CA TYR B 15 8.86 -20.34 -10.93
C TYR B 15 9.18 -21.49 -11.89
N GLY B 16 8.19 -22.32 -12.18
CA GLY B 16 8.41 -23.41 -13.13
C GLY B 16 9.40 -24.50 -12.77
N ASN B 17 9.76 -25.28 -13.78
CA ASN B 17 10.65 -26.42 -13.62
C ASN B 17 12.15 -26.19 -13.77
N LYS B 18 12.54 -25.27 -14.63
CA LYS B 18 13.95 -24.99 -14.84
C LYS B 18 14.48 -24.17 -13.66
N LYS B 19 15.65 -24.56 -13.15
CA LYS B 19 16.25 -23.86 -12.02
C LYS B 19 16.37 -22.38 -12.30
N VAL B 20 16.10 -21.57 -11.27
CA VAL B 20 16.16 -20.13 -11.39
C VAL B 20 17.11 -19.63 -10.32
N VAL B 21 18.07 -18.80 -10.71
CA VAL B 21 19.05 -18.29 -9.77
C VAL B 21 18.82 -16.81 -9.52
N ILE B 22 18.71 -16.45 -8.25
CA ILE B 22 18.48 -15.07 -7.86
C ILE B 22 19.62 -14.55 -6.99
N PRO B 23 20.45 -13.66 -7.55
CA PRO B 23 21.61 -13.05 -6.89
C PRO B 23 21.24 -11.87 -6.00
N PHE B 24 21.94 -11.71 -4.90
CA PHE B 24 21.66 -10.60 -3.99
C PHE B 24 22.90 -9.80 -3.59
N SER B 25 22.77 -8.48 -3.59
CA SER B 25 23.86 -7.61 -3.18
C SER B 25 24.14 -7.82 -1.70
N LYS B 26 25.35 -7.51 -1.29
CA LYS B 26 25.74 -7.63 0.10
C LYS B 26 24.94 -6.52 0.83
N GLY B 27 24.56 -5.49 0.08
CA GLY B 27 23.84 -4.38 0.67
C GLY B 27 22.34 -4.26 0.43
N PHE B 28 21.95 -3.27 -0.36
CA PHE B 28 20.54 -2.99 -0.66
C PHE B 28 20.07 -3.46 -2.04
N THR B 29 19.14 -4.41 -2.05
CA THR B 29 18.58 -4.96 -3.28
C THR B 29 17.08 -4.70 -3.38
N ALA B 30 16.64 -4.12 -4.48
CA ALA B 30 15.22 -3.88 -4.68
C ALA B 30 14.69 -4.94 -5.65
N ILE B 31 13.56 -5.55 -5.32
CA ILE B 31 12.94 -6.55 -6.17
C ILE B 31 11.73 -5.82 -6.76
N VAL B 32 11.75 -5.64 -8.08
CA VAL B 32 10.67 -4.90 -8.75
C VAL B 32 10.04 -5.71 -9.87
N GLY B 33 8.94 -5.18 -10.41
CA GLY B 33 8.21 -5.84 -11.47
C GLY B 33 6.72 -5.61 -11.31
N ALA B 34 5.95 -5.88 -12.36
CA ALA B 34 4.50 -5.69 -12.34
C ALA B 34 3.77 -6.59 -11.32
N ASN B 35 2.55 -6.21 -10.97
CA ASN B 35 1.73 -6.99 -10.03
C ASN B 35 1.56 -8.38 -10.64
N GLY B 36 1.57 -9.41 -9.79
CA GLY B 36 1.39 -10.77 -10.26
C GLY B 36 2.58 -11.44 -10.93
N SER B 37 3.77 -10.86 -10.79
CA SER B 37 4.95 -11.41 -11.44
C SER B 37 5.62 -12.53 -10.65
N GLY B 38 5.42 -12.53 -9.33
CA GLY B 38 6.04 -13.53 -8.51
C GLY B 38 7.09 -12.94 -7.60
N LYS B 39 7.02 -11.62 -7.36
CA LYS B 39 7.98 -10.99 -6.46
C LYS B 39 7.81 -11.49 -5.03
N SER B 40 6.57 -11.47 -4.52
CA SER B 40 6.29 -11.94 -3.17
C SER B 40 6.73 -13.39 -2.97
N ASN B 41 6.60 -14.20 -4.01
CA ASN B 41 6.99 -15.61 -3.92
C ASN B 41 8.48 -15.78 -3.60
N ILE B 42 9.29 -14.77 -3.91
CA ILE B 42 10.71 -14.86 -3.60
C ILE B 42 10.86 -14.78 -2.09
N GLY B 43 9.97 -14.02 -1.46
CA GLY B 43 10.02 -13.90 -0.02
C GLY B 43 9.63 -15.24 0.56
N ASP B 44 8.64 -15.87 -0.06
CA ASP B 44 8.17 -17.17 0.40
C ASP B 44 9.27 -18.22 0.27
N ALA B 45 10.07 -18.12 -0.80
CA ALA B 45 11.16 -19.07 -1.01
C ALA B 45 12.13 -18.99 0.17
N ILE B 46 12.42 -17.77 0.60
CA ILE B 46 13.33 -17.57 1.72
C ILE B 46 12.71 -18.13 2.98
N LEU B 47 11.43 -17.84 3.19
CA LEU B 47 10.75 -18.34 4.38
C LEU B 47 10.77 -19.88 4.35
N PHE B 48 10.60 -20.44 3.15
CA PHE B 48 10.59 -21.88 2.93
C PHE B 48 11.92 -22.55 3.30
N VAL B 49 13.03 -22.08 2.74
CA VAL B 49 14.34 -22.68 3.03
C VAL B 49 14.75 -22.61 4.49
N LEU B 50 14.27 -21.58 5.20
CA LEU B 50 14.64 -21.44 6.60
C LEU B 50 13.73 -22.25 7.51
N GLY B 51 12.98 -23.19 6.93
CA GLY B 51 12.10 -24.04 7.73
C GLY B 51 10.70 -23.58 8.05
N GLY B 52 10.19 -22.57 7.35
CA GLY B 52 8.83 -22.11 7.62
C GLY B 52 7.86 -23.28 7.61
N LEU B 53 6.96 -23.33 8.58
CA LEU B 53 5.99 -24.43 8.64
C LEU B 53 4.59 -24.02 8.23
N SER B 54 4.30 -22.73 8.33
CA SER B 54 2.97 -22.25 7.98
C SER B 54 2.78 -22.09 6.48
N ALA B 55 1.93 -22.94 5.91
CA ALA B 55 1.64 -22.86 4.49
C ALA B 55 0.84 -21.57 4.29
N LYS B 56 -0.07 -21.31 5.23
CA LYS B 56 -0.92 -20.13 5.19
C LYS B 56 -0.09 -18.84 5.06
N ALA B 57 1.02 -18.78 5.79
CA ALA B 57 1.89 -17.61 5.75
C ALA B 57 2.48 -17.41 4.35
N MSE B 58 2.66 -18.51 3.63
CA MSE B 58 3.22 -18.46 2.27
C MSE B 58 2.13 -18.54 1.21
O MSE B 58 2.39 -18.80 0.03
CB MSE B 58 4.21 -19.61 2.09
CG MSE B 58 5.29 -19.57 3.15
SE MSE B 58 6.67 -20.89 2.94
CE MSE B 58 6.03 -22.22 4.19
N ARG B 59 0.90 -18.30 1.64
CA ARG B 59 -0.27 -18.31 0.77
C ARG B 59 -0.52 -19.63 0.02
N ALA B 60 -0.63 -20.71 0.80
CA ALA B 60 -0.87 -22.03 0.26
C ALA B 60 -1.77 -22.78 1.25
N SER B 61 -2.58 -23.69 0.73
CA SER B 61 -3.49 -24.49 1.54
C SER B 61 -2.66 -25.49 2.37
N ARG B 62 -1.71 -26.13 1.70
CA ARG B 62 -0.85 -27.11 2.34
C ARG B 62 0.56 -26.88 1.82
N ILE B 63 1.56 -27.26 2.61
CA ILE B 63 2.95 -27.09 2.18
C ILE B 63 3.16 -27.67 0.79
N SER B 64 2.43 -28.74 0.47
CA SER B 64 2.56 -29.40 -0.83
C SER B 64 2.11 -28.52 -2.00
N ASP B 65 1.21 -27.57 -1.73
CA ASP B 65 0.73 -26.69 -2.79
C ASP B 65 1.75 -25.65 -3.21
N LEU B 66 2.93 -25.68 -2.60
CA LEU B 66 3.99 -24.74 -2.99
C LEU B 66 4.68 -25.29 -4.23
N ILE B 67 4.30 -26.50 -4.62
CA ILE B 67 4.89 -27.16 -5.79
C ILE B 67 4.30 -26.62 -7.08
N PHE B 68 5.18 -26.17 -7.98
CA PHE B 68 4.74 -25.64 -9.28
C PHE B 68 3.71 -26.60 -9.84
N ALA B 69 2.53 -26.09 -10.18
CA ALA B 69 1.45 -26.92 -10.70
C ALA B 69 1.32 -26.96 -12.24
N GLY B 70 2.32 -26.46 -12.95
CA GLY B 70 2.23 -26.46 -14.39
C GLY B 70 1.75 -25.15 -14.97
N SER B 71 2.09 -24.90 -16.22
CA SER B 71 1.69 -23.67 -16.90
C SER B 71 1.39 -23.96 -18.36
N LYS B 72 1.20 -22.89 -19.13
CA LYS B 72 0.88 -23.00 -20.55
C LYS B 72 1.83 -23.96 -21.26
N ASN B 73 3.12 -23.76 -21.03
CA ASN B 73 4.15 -24.55 -21.68
C ASN B 73 4.90 -25.54 -20.79
N GLU B 74 4.36 -25.85 -19.61
CA GLU B 74 5.04 -26.77 -18.71
C GLU B 74 4.15 -27.71 -17.91
N PRO B 75 4.65 -28.91 -17.63
CA PRO B 75 3.84 -29.86 -16.84
C PRO B 75 4.08 -29.52 -15.36
N PRO B 76 3.34 -30.16 -14.45
CA PRO B 76 3.54 -29.90 -13.03
C PRO B 76 4.90 -30.42 -12.58
N ALA B 77 5.51 -29.76 -11.59
CA ALA B 77 6.80 -30.19 -11.09
C ALA B 77 6.61 -31.41 -10.20
N LYS B 78 7.65 -32.20 -10.03
CA LYS B 78 7.56 -33.40 -9.20
C LYS B 78 7.84 -33.05 -7.73
N TYR B 79 8.36 -31.85 -7.51
CA TYR B 79 8.68 -31.39 -6.16
C TYR B 79 9.19 -29.94 -6.21
N ALA B 80 9.22 -29.29 -5.05
CA ALA B 80 9.70 -27.91 -4.97
C ALA B 80 10.96 -27.92 -4.11
N GLU B 81 11.98 -27.22 -4.60
CA GLU B 81 13.24 -27.17 -3.90
C GLU B 81 13.80 -25.76 -3.91
N VAL B 82 14.36 -25.35 -2.78
CA VAL B 82 14.96 -24.02 -2.69
C VAL B 82 16.30 -24.17 -2.01
N ALA B 83 17.31 -23.51 -2.56
CA ALA B 83 18.64 -23.55 -1.97
C ALA B 83 19.06 -22.12 -1.71
N ILE B 84 19.59 -21.87 -0.52
CA ILE B 84 20.03 -20.52 -0.17
C ILE B 84 21.53 -20.55 0.16
N TYR B 85 22.30 -19.69 -0.49
CA TYR B 85 23.74 -19.66 -0.25
C TYR B 85 24.11 -18.44 0.56
N PHE B 86 24.68 -18.70 1.73
CA PHE B 86 25.10 -17.64 2.65
C PHE B 86 26.60 -17.45 2.61
N ASN B 87 27.04 -16.21 2.68
CA ASN B 87 28.45 -15.95 2.75
C ASN B 87 28.67 -16.03 4.27
N ASN B 88 29.62 -16.86 4.71
CA ASN B 88 29.89 -17.01 6.13
C ASN B 88 31.31 -16.58 6.51
N GLU B 89 31.86 -15.64 5.74
CA GLU B 89 33.21 -15.14 6.01
C GLU B 89 33.34 -14.60 7.43
N ASP B 90 32.24 -14.11 8.00
CA ASP B 90 32.29 -13.56 9.36
C ASP B 90 32.08 -14.64 10.41
N ARG B 91 31.87 -15.87 9.95
CA ARG B 91 31.65 -17.02 10.81
C ARG B 91 30.44 -16.90 11.73
N GLY B 92 29.40 -16.23 11.25
CA GLY B 92 28.18 -16.11 12.02
C GLY B 92 27.62 -17.51 12.22
N PHE B 93 27.90 -18.40 11.27
CA PHE B 93 27.46 -19.80 11.34
C PHE B 93 28.57 -20.60 12.00
N PRO B 94 28.24 -21.43 12.99
CA PRO B 94 29.24 -22.24 13.68
C PRO B 94 29.75 -23.38 12.79
N ILE B 95 30.20 -23.00 11.60
CA ILE B 95 30.74 -23.93 10.61
C ILE B 95 31.96 -23.25 10.04
N ASP B 96 33.10 -23.94 10.04
CA ASP B 96 34.29 -23.32 9.53
C ASP B 96 34.40 -23.34 8.01
N GLU B 97 33.42 -22.75 7.34
CA GLU B 97 33.41 -22.68 5.89
C GLU B 97 33.00 -21.26 5.51
N ASP B 98 33.47 -20.79 4.36
CA ASP B 98 33.12 -19.45 3.92
C ASP B 98 31.73 -19.44 3.32
N GLU B 99 31.29 -20.61 2.86
CA GLU B 99 29.97 -20.71 2.27
C GLU B 99 29.13 -21.74 3.00
N VAL B 100 27.94 -21.32 3.43
CA VAL B 100 27.01 -22.22 4.10
C VAL B 100 25.80 -22.32 3.18
N VAL B 101 25.44 -23.53 2.79
CA VAL B 101 24.31 -23.73 1.89
C VAL B 101 23.21 -24.52 2.57
N ILE B 102 21.98 -24.02 2.51
CA ILE B 102 20.88 -24.74 3.10
C ILE B 102 19.89 -25.00 1.99
N ARG B 103 19.40 -26.23 1.92
CA ARG B 103 18.47 -26.60 0.88
C ARG B 103 17.33 -27.42 1.45
N ARG B 104 16.11 -27.10 1.00
CA ARG B 104 14.93 -27.85 1.42
C ARG B 104 14.13 -28.22 0.17
N ARG B 105 13.55 -29.41 0.20
CA ARG B 105 12.77 -29.91 -0.91
C ARG B 105 11.49 -30.52 -0.38
N VAL B 106 10.34 -30.12 -0.92
CA VAL B 106 9.09 -30.71 -0.46
C VAL B 106 8.45 -31.53 -1.57
N TYR B 107 7.96 -32.71 -1.20
CA TYR B 107 7.31 -33.64 -2.11
C TYR B 107 5.79 -33.51 -2.01
N PRO B 108 5.06 -34.09 -2.98
CA PRO B 108 3.59 -34.06 -3.04
C PRO B 108 2.93 -34.59 -1.77
N ASP B 109 3.62 -35.47 -1.06
CA ASP B 109 3.08 -36.06 0.15
C ASP B 109 3.23 -35.13 1.36
N GLY B 110 3.87 -33.98 1.14
CA GLY B 110 4.05 -33.03 2.23
C GLY B 110 5.32 -33.18 3.04
N ARG B 111 6.15 -34.17 2.73
CA ARG B 111 7.40 -34.36 3.47
C ARG B 111 8.51 -33.46 2.93
N SER B 112 9.39 -33.03 3.81
CA SER B 112 10.50 -32.18 3.40
C SER B 112 11.84 -32.81 3.75
N SER B 113 12.82 -32.61 2.87
CA SER B 113 14.17 -33.10 3.09
C SER B 113 15.04 -31.86 3.15
N TYR B 114 15.91 -31.78 4.15
CA TYR B 114 16.82 -30.65 4.30
C TYR B 114 18.25 -31.08 4.08
N TRP B 115 19.06 -30.15 3.61
CA TRP B 115 20.48 -30.40 3.37
C TRP B 115 21.28 -29.22 3.91
N LEU B 116 22.37 -29.52 4.61
CA LEU B 116 23.25 -28.49 5.16
C LEU B 116 24.62 -28.76 4.55
N ASN B 117 24.97 -27.95 3.56
CA ASN B 117 26.24 -28.09 2.85
C ASN B 117 26.35 -29.47 2.22
N GLY B 118 25.26 -29.94 1.61
CA GLY B 118 25.27 -31.23 0.95
C GLY B 118 24.94 -32.44 1.82
N ARG B 119 25.07 -32.30 3.13
CA ARG B 119 24.79 -33.41 4.03
C ARG B 119 23.37 -33.32 4.59
N ARG B 120 22.63 -34.41 4.47
CA ARG B 120 21.27 -34.43 4.97
C ARG B 120 21.20 -33.98 6.41
N ALA B 121 20.19 -33.17 6.71
CA ALA B 121 20.02 -32.66 8.05
C ALA B 121 18.56 -32.67 8.45
N THR B 122 18.32 -32.60 9.76
CA THR B 122 16.96 -32.56 10.31
C THR B 122 16.53 -31.10 10.32
N ARG B 123 15.23 -30.85 10.31
CA ARG B 123 14.76 -29.48 10.37
C ARG B 123 15.36 -28.86 11.63
N SER B 124 15.37 -29.63 12.72
CA SER B 124 15.92 -29.19 14.00
C SER B 124 17.38 -28.78 13.87
N GLU B 125 18.15 -29.58 13.14
CA GLU B 125 19.57 -29.29 12.94
C GLU B 125 19.69 -27.99 12.17
N ILE B 126 18.80 -27.78 11.21
CA ILE B 126 18.81 -26.57 10.40
C ILE B 126 18.41 -25.36 11.24
N LEU B 127 17.34 -25.48 12.00
CA LEU B 127 16.89 -24.39 12.85
C LEU B 127 17.96 -24.00 13.87
N ASP B 128 18.63 -24.99 14.46
CA ASP B 128 19.68 -24.72 15.45
C ASP B 128 20.85 -23.98 14.82
N ILE B 129 21.30 -24.45 13.66
CA ILE B 129 22.42 -23.80 13.01
C ILE B 129 22.00 -22.37 12.67
N LEU B 130 20.75 -22.19 12.27
CA LEU B 130 20.26 -20.86 11.94
C LEU B 130 20.21 -19.96 13.18
N THR B 131 19.67 -20.49 14.27
CA THR B 131 19.59 -19.73 15.52
C THR B 131 20.97 -19.23 15.88
N ALA B 132 21.95 -20.12 15.77
CA ALA B 132 23.33 -19.78 16.09
C ALA B 132 23.80 -18.56 15.32
N ALA B 133 23.31 -18.41 14.09
CA ALA B 133 23.71 -17.29 13.25
C ALA B 133 22.80 -16.07 13.31
N MSE B 134 21.89 -16.06 14.28
CA MSE B 134 20.95 -14.94 14.44
C MSE B 134 19.91 -14.89 13.31
O MSE B 134 19.44 -13.81 12.94
CB MSE B 134 21.71 -13.60 14.47
CG MSE B 134 21.83 -12.93 15.83
SE MSE B 134 22.81 -13.97 17.13
CE MSE B 134 21.31 -14.57 18.23
N ILE B 135 19.55 -16.04 12.78
CA ILE B 135 18.57 -16.11 11.70
C ILE B 135 17.40 -17.00 12.06
N SER B 136 16.20 -16.60 11.63
CA SER B 136 15.02 -17.40 11.93
C SER B 136 13.86 -17.11 11.00
N PRO B 137 13.09 -18.15 10.65
CA PRO B 137 11.94 -17.96 9.77
C PRO B 137 10.89 -17.06 10.43
N ASP B 138 10.89 -17.04 11.77
CA ASP B 138 9.93 -16.23 12.52
C ASP B 138 10.46 -14.87 12.97
N GLY B 139 11.69 -14.55 12.55
CA GLY B 139 12.31 -13.29 12.94
C GLY B 139 11.59 -12.00 12.60
N TYR B 140 11.83 -10.98 13.41
CA TYR B 140 11.24 -9.66 13.20
C TYR B 140 11.87 -9.01 11.98
N ASN B 141 12.98 -9.55 11.52
CA ASN B 141 13.68 -8.98 10.37
C ASN B 141 13.02 -9.34 9.04
N ILE B 142 12.05 -10.23 9.10
CA ILE B 142 11.31 -10.64 7.92
C ILE B 142 9.93 -9.99 8.03
N VAL B 143 9.66 -9.06 7.13
CA VAL B 143 8.40 -8.35 7.16
C VAL B 143 7.61 -8.56 5.86
N LEU B 144 6.77 -9.60 5.85
CA LEU B 144 5.95 -9.94 4.69
C LEU B 144 4.84 -8.90 4.49
N GLN B 145 4.17 -8.96 3.34
CA GLN B 145 3.10 -8.00 3.09
C GLN B 145 2.07 -8.12 4.20
N GLY B 146 1.70 -6.98 4.79
CA GLY B 146 0.73 -6.99 5.87
C GLY B 146 1.31 -7.13 7.26
N ASP B 147 2.57 -7.54 7.38
CA ASP B 147 3.17 -7.71 8.71
C ASP B 147 3.58 -6.39 9.31
N ILE B 148 3.86 -5.41 8.46
CA ILE B 148 4.32 -4.11 8.91
C ILE B 148 3.69 -3.63 10.21
N THR B 149 2.36 -3.62 10.26
CA THR B 149 1.64 -3.18 11.45
C THR B 149 1.84 -4.05 12.69
N LYS B 150 2.26 -5.30 12.50
CA LYS B 150 2.45 -6.19 13.64
C LYS B 150 3.14 -5.46 14.77
N PHE B 151 4.20 -4.70 14.45
CA PHE B 151 4.93 -3.95 15.46
C PHE B 151 4.10 -2.74 15.86
N ILE B 152 2.80 -2.98 16.06
CA ILE B 152 1.86 -1.95 16.43
C ILE B 152 0.65 -2.61 17.07
N LYS B 153 0.06 -3.54 16.34
CA LYS B 153 -1.11 -4.26 16.79
C LYS B 153 -0.78 -5.35 17.82
N MSE B 154 0.49 -5.75 17.93
CA MSE B 154 0.87 -6.77 18.89
C MSE B 154 0.73 -6.26 20.33
O MSE B 154 0.68 -5.05 20.57
CB MSE B 154 2.31 -7.27 18.63
CG MSE B 154 3.44 -6.40 19.17
SE MSE B 154 5.25 -6.89 18.53
CE MSE B 154 5.38 -8.71 19.16
N SER B 155 0.65 -7.18 21.29
CA SER B 155 0.49 -6.83 22.69
C SER B 155 1.80 -6.36 23.29
N PRO B 156 1.73 -5.45 24.28
CA PRO B 156 2.92 -4.93 24.93
C PRO B 156 3.80 -6.06 25.46
N LEU B 157 3.19 -7.19 25.79
CA LEU B 157 3.95 -8.33 26.28
C LEU B 157 4.73 -8.98 25.14
N GLU B 158 4.08 -9.14 23.99
CA GLU B 158 4.75 -9.74 22.85
C GLU B 158 5.89 -8.82 22.41
N ARG B 159 5.67 -7.52 22.53
CA ARG B 159 6.67 -6.55 22.15
C ARG B 159 7.90 -6.67 23.06
N ARG B 160 7.70 -6.66 24.37
CA ARG B 160 8.83 -6.77 25.28
C ARG B 160 9.59 -8.06 24.96
N LEU B 161 8.85 -9.15 24.79
CA LEU B 161 9.47 -10.42 24.49
C LEU B 161 10.44 -10.31 23.31
N LEU B 162 10.12 -9.45 22.35
CA LEU B 162 11.00 -9.26 21.21
C LEU B 162 12.33 -8.73 21.73
N ILE B 163 12.26 -7.69 22.55
CA ILE B 163 13.46 -7.09 23.12
C ILE B 163 14.22 -8.07 24.01
N ASP B 164 13.50 -8.96 24.68
CA ASP B 164 14.14 -9.99 25.52
C ASP B 164 15.05 -10.79 24.60
N ASP B 165 14.53 -11.12 23.42
CA ASP B 165 15.28 -11.91 22.45
C ASP B 165 16.55 -11.18 22.05
N ILE B 166 16.42 -9.90 21.68
CA ILE B 166 17.58 -9.12 21.26
C ILE B 166 18.62 -8.90 22.37
N SER B 167 18.18 -8.88 23.62
CA SER B 167 19.09 -8.65 24.74
C SER B 167 20.00 -9.83 25.09
N GLY B 168 19.42 -11.01 25.24
CA GLY B 168 20.20 -12.18 25.58
C GLY B 168 19.34 -13.39 25.88
N ILE B 169 19.91 -14.37 26.59
CA ILE B 169 19.15 -15.58 26.93
C ILE B 169 17.85 -15.21 27.64
N ALA B 170 17.78 -13.96 28.12
CA ALA B 170 16.60 -13.45 28.82
C ALA B 170 16.76 -11.98 29.20
N LYS B 184 17.41 -11.15 38.99
CA LYS B 184 18.70 -11.74 38.66
C LYS B 184 19.61 -10.70 38.01
N GLU B 185 20.66 -11.18 37.33
CA GLU B 185 21.60 -10.29 36.66
C GLU B 185 21.11 -9.94 35.25
N LYS B 186 20.10 -10.68 34.80
CA LYS B 186 19.50 -10.50 33.47
C LYS B 186 18.94 -9.09 33.30
N LYS B 187 18.12 -8.68 34.27
CA LYS B 187 17.50 -7.36 34.25
C LYS B 187 18.49 -6.27 33.83
N ASN B 188 19.75 -6.48 34.17
CA ASN B 188 20.81 -5.52 33.86
C ASN B 188 21.04 -5.49 32.36
N VAL B 189 21.16 -6.68 31.76
CA VAL B 189 21.39 -6.79 30.32
C VAL B 189 20.20 -6.25 29.53
N PHE B 190 18.99 -6.63 29.96
CA PHE B 190 17.78 -6.18 29.29
C PHE B 190 17.74 -4.66 29.20
N MSE B 191 17.74 -4.00 30.36
CA MSE B 191 17.69 -2.53 30.41
C MSE B 191 18.72 -1.88 29.52
O MSE B 191 18.45 -0.87 28.87
CB MSE B 191 17.90 -2.05 31.86
CG MSE B 191 16.76 -2.40 32.81
SE MSE B 191 15.05 -1.73 32.17
CE MSE B 191 15.41 0.17 32.19
N ARG B 192 19.91 -2.45 29.51
CA ARG B 192 21.01 -1.95 28.70
C ARG B 192 20.55 -1.96 27.24
N THR B 193 19.98 -3.08 26.81
CA THR B 193 19.48 -3.24 25.45
C THR B 193 18.25 -2.35 25.20
N PHE B 194 17.31 -2.35 26.15
CA PHE B 194 16.10 -1.55 26.05
C PHE B 194 16.37 -0.06 25.88
N GLU B 195 17.25 0.49 26.72
CA GLU B 195 17.55 1.92 26.67
C GLU B 195 18.19 2.36 25.34
N ALA B 196 19.05 1.53 24.79
CA ALA B 196 19.71 1.87 23.52
C ALA B 196 18.67 1.86 22.38
N ILE B 197 17.90 0.78 22.30
CA ILE B 197 16.90 0.69 21.25
C ILE B 197 15.87 1.81 21.40
N SER B 198 15.52 2.11 22.65
CA SER B 198 14.56 3.16 22.90
C SER B 198 15.07 4.48 22.33
N ARG B 199 16.35 4.80 22.56
CA ARG B 199 16.92 6.03 22.04
C ARG B 199 16.93 5.99 20.52
N ASN B 200 17.31 4.84 19.95
CA ASN B 200 17.34 4.69 18.50
C ASN B 200 15.95 4.97 17.97
N PHE B 201 14.95 4.43 18.66
CA PHE B 201 13.57 4.59 18.25
C PHE B 201 13.19 6.06 18.17
N SER B 202 13.40 6.77 19.26
CA SER B 202 13.07 8.19 19.30
C SER B 202 13.84 8.96 18.24
N GLU B 203 15.12 8.67 18.13
CA GLU B 203 15.99 9.32 17.14
C GLU B 203 15.46 9.09 15.73
N ILE B 204 15.27 7.83 15.37
CA ILE B 204 14.78 7.49 14.03
C ILE B 204 13.34 7.95 13.75
N PHE B 205 12.45 7.82 14.72
CA PHE B 205 11.08 8.26 14.51
C PHE B 205 11.06 9.75 14.17
N ALA B 206 11.90 10.52 14.87
CA ALA B 206 11.98 11.96 14.63
C ALA B 206 12.43 12.23 13.20
N LYS B 207 13.42 11.47 12.75
CA LYS B 207 13.97 11.60 11.41
C LYS B 207 12.88 11.28 10.37
N LEU B 208 12.11 10.23 10.61
CA LEU B 208 11.04 9.82 9.69
C LEU B 208 9.81 10.70 9.72
N SER B 209 9.48 11.22 10.90
CA SER B 209 8.31 12.08 11.06
C SER B 209 8.79 13.43 11.59
N PRO B 210 9.45 14.23 10.73
CA PRO B 210 9.95 15.54 11.13
C PRO B 210 8.87 16.38 11.83
N GLY B 211 9.21 16.89 13.01
CA GLY B 211 8.27 17.69 13.78
C GLY B 211 7.60 16.82 14.82
N GLY B 212 7.87 15.53 14.77
CA GLY B 212 7.27 14.62 15.70
C GLY B 212 8.29 13.97 16.61
N SER B 213 7.80 13.13 17.51
CA SER B 213 8.66 12.42 18.45
C SER B 213 7.88 11.21 18.93
N ALA B 214 8.58 10.25 19.51
CA ALA B 214 7.94 9.06 20.02
C ALA B 214 8.93 8.34 20.91
N ARG B 215 8.45 7.42 21.74
CA ARG B 215 9.35 6.68 22.62
C ARG B 215 8.80 5.33 23.06
N LEU B 216 9.67 4.51 23.63
CA LEU B 216 9.26 3.21 24.12
C LEU B 216 9.07 3.34 25.62
N ILE B 217 8.05 2.70 26.15
CA ILE B 217 7.77 2.76 27.57
C ILE B 217 7.50 1.38 28.16
N LEU B 218 8.16 1.07 29.27
CA LEU B 218 7.95 -0.20 29.94
C LEU B 218 6.80 -0.01 30.91
N GLU B 219 5.89 -0.98 30.98
CA GLU B 219 4.75 -0.86 31.87
C GLU B 219 5.21 -1.00 33.32
N ASN B 220 6.37 -1.61 33.51
CA ASN B 220 6.89 -1.81 34.86
C ASN B 220 8.39 -1.64 34.90
N PRO B 221 8.86 -0.38 35.01
CA PRO B 221 10.28 -0.01 35.08
C PRO B 221 11.11 -0.78 36.08
N GLU B 222 10.61 -0.91 37.31
CA GLU B 222 11.34 -1.62 38.37
C GLU B 222 11.46 -3.12 38.07
N ASP B 223 10.37 -3.73 37.64
CA ASP B 223 10.35 -5.15 37.32
C ASP B 223 9.87 -5.32 35.88
N PRO B 224 10.74 -4.98 34.91
CA PRO B 224 10.45 -5.05 33.47
C PRO B 224 9.78 -6.34 33.04
N PHE B 225 10.37 -7.47 33.41
CA PHE B 225 9.86 -8.78 33.04
C PHE B 225 8.46 -9.14 33.52
N SER B 226 7.90 -8.32 34.40
CA SER B 226 6.54 -8.60 34.88
C SER B 226 5.55 -7.73 34.10
N GLY B 227 6.07 -6.97 33.13
CA GLY B 227 5.23 -6.11 32.32
C GLY B 227 5.53 -6.18 30.83
N GLY B 228 4.91 -5.28 30.07
CA GLY B 228 5.12 -5.27 28.63
C GLY B 228 5.84 -4.02 28.16
N LEU B 229 5.92 -3.86 26.84
CA LEU B 229 6.59 -2.71 26.25
C LEU B 229 5.64 -1.97 25.33
N GLU B 230 5.40 -0.69 25.63
CA GLU B 230 4.47 0.13 24.85
C GLU B 230 5.18 1.16 23.98
N ILE B 231 4.44 1.65 22.99
CA ILE B 231 4.94 2.68 22.09
C ILE B 231 4.09 3.92 22.34
N GLU B 232 4.75 5.06 22.48
CA GLU B 232 4.05 6.32 22.74
C GLU B 232 4.46 7.31 21.65
N ALA B 233 3.60 7.47 20.66
CA ALA B 233 3.92 8.35 19.54
C ALA B 233 3.24 9.71 19.56
N LYS B 234 3.98 10.72 19.13
CA LYS B 234 3.49 12.09 19.06
C LYS B 234 3.84 12.59 17.66
N PRO B 235 3.03 12.20 16.65
CA PRO B 235 3.26 12.62 15.26
C PRO B 235 3.31 14.14 15.18
N ALA B 236 2.39 14.78 15.90
CA ALA B 236 2.31 16.24 15.94
C ALA B 236 3.55 16.77 16.65
N GLY B 237 4.00 16.01 17.65
CA GLY B 237 5.18 16.38 18.40
C GLY B 237 4.93 16.76 19.85
N LYS B 238 3.76 17.36 20.10
CA LYS B 238 3.42 17.80 21.45
C LYS B 238 2.41 16.86 22.12
N ASP B 239 1.27 16.67 21.47
CA ASP B 239 0.21 15.82 21.97
C ASP B 239 0.38 14.36 21.54
N VAL B 240 0.22 13.45 22.49
CA VAL B 240 0.34 12.02 22.22
C VAL B 240 -0.79 11.57 21.31
N LYS B 241 -0.63 10.39 20.73
CA LYS B 241 -1.63 9.84 19.84
C LYS B 241 -1.58 8.32 19.91
N ARG B 242 -2.75 7.70 20.12
CA ARG B 242 -2.82 6.25 20.18
C ARG B 242 -2.35 5.79 18.82
N ILE B 243 -1.42 4.84 18.79
CA ILE B 243 -0.93 4.32 17.52
C ILE B 243 -2.07 3.71 16.70
N GLU B 244 -3.20 3.42 17.35
CA GLU B 244 -4.36 2.85 16.68
C GLU B 244 -5.25 3.92 16.03
N ALA B 245 -5.02 5.17 16.41
CA ALA B 245 -5.80 6.28 15.85
C ALA B 245 -5.09 6.77 14.60
N MSE B 246 -3.87 6.29 14.41
CA MSE B 246 -3.05 6.68 13.26
C MSE B 246 -3.63 6.17 11.95
O MSE B 246 -4.56 5.37 11.94
CB MSE B 246 -1.63 6.14 13.41
CG MSE B 246 -0.86 6.66 14.61
SE MSE B 246 1.03 6.14 14.61
CE MSE B 246 0.75 4.23 14.72
N SER B 247 -3.09 6.67 10.84
CA SER B 247 -3.51 6.25 9.52
C SER B 247 -2.51 5.22 9.02
N GLY B 248 -2.74 4.69 7.83
CA GLY B 248 -1.84 3.68 7.28
C GLY B 248 -0.37 4.07 7.22
N GLY B 249 -0.09 5.27 6.72
CA GLY B 249 1.28 5.72 6.61
C GLY B 249 1.98 5.90 7.95
N GLU B 250 1.26 6.51 8.91
CA GLU B 250 1.80 6.74 10.24
C GLU B 250 2.13 5.42 10.90
N LYS B 251 1.21 4.47 10.80
CA LYS B 251 1.45 3.15 11.38
C LYS B 251 2.71 2.54 10.77
N ALA B 252 2.81 2.61 9.45
CA ALA B 252 3.97 2.07 8.75
C ALA B 252 5.26 2.72 9.26
N LEU B 253 5.26 4.04 9.39
CA LEU B 253 6.44 4.75 9.87
C LEU B 253 6.80 4.35 11.28
N THR B 254 5.80 4.15 12.12
CA THR B 254 6.04 3.77 13.49
C THR B 254 6.63 2.37 13.57
N ALA B 255 6.09 1.46 12.77
CA ALA B 255 6.58 0.09 12.74
C ALA B 255 8.01 0.06 12.20
N LEU B 256 8.26 0.82 11.14
CA LEU B 256 9.58 0.86 10.54
C LEU B 256 10.63 1.46 11.48
N ALA B 257 10.29 2.56 12.14
CA ALA B 257 11.24 3.18 13.07
C ALA B 257 11.65 2.16 14.14
N PHE B 258 10.69 1.36 14.58
CA PHE B 258 10.95 0.34 15.60
C PHE B 258 11.93 -0.72 15.05
N VAL B 259 11.67 -1.22 13.84
CA VAL B 259 12.55 -2.21 13.23
C VAL B 259 13.98 -1.68 13.13
N PHE B 260 14.13 -0.49 12.56
CA PHE B 260 15.43 0.13 12.39
C PHE B 260 16.09 0.49 13.70
N ALA B 261 15.28 0.69 14.74
CA ALA B 261 15.85 1.03 16.04
C ALA B 261 16.58 -0.20 16.53
N ILE B 262 15.98 -1.37 16.30
CA ILE B 262 16.62 -2.61 16.69
C ILE B 262 17.86 -2.91 15.85
N GLN B 263 17.76 -2.74 14.53
CA GLN B 263 18.91 -3.05 13.67
C GLN B 263 20.10 -2.11 13.90
N LYS B 264 19.83 -0.88 14.35
CA LYS B 264 20.92 0.06 14.61
C LYS B 264 21.71 -0.38 15.83
N PHE B 265 21.04 -1.10 16.74
CA PHE B 265 21.71 -1.58 17.93
C PHE B 265 22.38 -2.93 17.69
N LYS B 266 21.64 -3.86 17.09
CA LYS B 266 22.18 -5.18 16.79
C LYS B 266 21.77 -5.59 15.37
N PRO B 267 22.53 -5.15 14.36
CA PRO B 267 22.27 -5.44 12.94
C PRO B 267 22.03 -6.93 12.70
N ALA B 268 20.90 -7.26 12.09
CA ALA B 268 20.60 -8.66 11.79
C ALA B 268 21.26 -8.97 10.45
N PRO B 269 21.53 -10.25 10.18
CA PRO B 269 22.16 -10.65 8.91
C PRO B 269 21.45 -10.07 7.67
N PHE B 270 20.12 -10.12 7.65
CA PHE B 270 19.38 -9.55 6.52
C PHE B 270 17.96 -9.15 6.92
N TYR B 271 17.38 -8.28 6.10
CA TYR B 271 16.01 -7.82 6.31
C TYR B 271 15.26 -8.04 5.02
N LEU B 272 14.07 -8.62 5.14
CA LEU B 272 13.25 -8.89 3.97
C LEU B 272 11.98 -8.07 4.13
N PHE B 273 11.80 -7.09 3.26
CA PHE B 273 10.62 -6.23 3.29
C PHE B 273 9.78 -6.42 2.03
N ASP B 274 8.47 -6.65 2.20
CA ASP B 274 7.58 -6.82 1.06
C ASP B 274 6.59 -5.67 0.97
N GLU B 275 6.92 -4.64 0.20
CA GLU B 275 6.04 -3.50 0.03
C GLU B 275 5.67 -2.77 1.32
N ILE B 276 6.69 -2.48 2.13
CA ILE B 276 6.46 -1.78 3.39
C ILE B 276 6.19 -0.32 3.08
N ASP B 277 6.38 0.08 1.83
CA ASP B 277 6.17 1.44 1.40
C ASP B 277 4.82 1.67 0.73
N ALA B 278 3.95 0.67 0.78
CA ALA B 278 2.63 0.78 0.16
C ALA B 278 1.85 2.02 0.61
N HIS B 279 1.87 2.31 1.91
CA HIS B 279 1.15 3.46 2.47
C HIS B 279 1.97 4.70 2.78
N LEU B 280 3.21 4.78 2.31
CA LEU B 280 4.07 5.93 2.56
C LEU B 280 3.97 6.92 1.42
N ASP B 281 4.10 8.22 1.71
CA ASP B 281 4.04 9.18 0.60
C ASP B 281 5.45 9.26 0.00
N ASP B 282 5.59 9.86 -1.19
CA ASP B 282 6.88 9.95 -1.84
C ASP B 282 8.00 10.49 -0.95
N ALA B 283 7.71 11.52 -0.16
CA ALA B 283 8.71 12.07 0.72
C ALA B 283 9.17 11.02 1.73
N ASN B 284 8.22 10.24 2.27
CA ASN B 284 8.57 9.21 3.23
C ASN B 284 9.22 7.99 2.59
N VAL B 285 8.89 7.72 1.34
CA VAL B 285 9.52 6.61 0.65
C VAL B 285 11.01 6.96 0.59
N LYS B 286 11.29 8.22 0.24
CA LYS B 286 12.67 8.68 0.17
C LYS B 286 13.34 8.55 1.54
N ARG B 287 12.70 9.12 2.56
CA ARG B 287 13.26 9.03 3.90
C ARG B 287 13.54 7.59 4.30
N VAL B 288 12.62 6.68 3.99
CA VAL B 288 12.83 5.27 4.32
C VAL B 288 13.95 4.67 3.44
N ALA B 289 13.97 5.04 2.16
CA ALA B 289 15.02 4.54 1.26
C ALA B 289 16.37 5.00 1.79
N ASP B 290 16.46 6.25 2.26
CA ASP B 290 17.75 6.73 2.77
C ASP B 290 18.15 5.98 4.02
N LEU B 291 17.17 5.69 4.87
CA LEU B 291 17.41 4.96 6.11
C LEU B 291 17.90 3.55 5.77
N ILE B 292 17.37 2.98 4.69
CA ILE B 292 17.76 1.65 4.27
C ILE B 292 19.19 1.64 3.72
N LYS B 293 19.51 2.63 2.89
CA LYS B 293 20.86 2.71 2.33
C LYS B 293 21.88 2.78 3.45
N GLU B 294 21.69 3.72 4.36
CA GLU B 294 22.62 3.91 5.46
C GLU B 294 22.76 2.65 6.30
N SER B 295 21.66 1.94 6.50
CA SER B 295 21.68 0.72 7.30
C SER B 295 22.25 -0.49 6.59
N SER B 296 22.09 -0.54 5.27
CA SER B 296 22.58 -1.66 4.47
C SER B 296 24.10 -1.78 4.54
N LYS B 297 24.74 -0.86 5.26
CA LYS B 297 26.19 -0.92 5.43
C LYS B 297 26.52 -1.96 6.49
N GLU B 298 25.58 -2.21 7.39
CA GLU B 298 25.80 -3.19 8.47
C GLU B 298 24.92 -4.42 8.29
N SER B 299 23.89 -4.30 7.45
CA SER B 299 22.98 -5.41 7.24
C SER B 299 22.53 -5.50 5.80
N GLN B 300 22.17 -6.71 5.38
CA GLN B 300 21.69 -6.91 4.04
C GLN B 300 20.18 -6.59 4.02
N PHE B 301 19.76 -5.87 2.98
CA PHE B 301 18.37 -5.47 2.80
C PHE B 301 17.83 -5.92 1.45
N ILE B 302 16.78 -6.73 1.48
CA ILE B 302 16.10 -7.22 0.28
C ILE B 302 14.71 -6.62 0.31
N VAL B 303 14.44 -5.67 -0.57
CA VAL B 303 13.17 -4.96 -0.58
C VAL B 303 12.28 -5.02 -1.84
N ILE B 304 11.09 -5.59 -1.68
CA ILE B 304 10.15 -5.67 -2.79
C ILE B 304 9.39 -4.34 -2.78
N THR B 305 9.33 -3.68 -3.94
CA THR B 305 8.64 -2.40 -4.03
C THR B 305 8.01 -2.11 -5.38
N LEU B 306 6.97 -1.28 -5.37
CA LEU B 306 6.28 -0.86 -6.58
C LEU B 306 6.55 0.62 -6.80
N ARG B 307 7.23 1.24 -5.83
CA ARG B 307 7.52 2.67 -5.87
C ARG B 307 8.90 3.01 -6.47
N ASP B 308 8.87 3.88 -7.49
CA ASP B 308 10.07 4.32 -8.22
C ASP B 308 11.14 4.89 -7.34
N VAL B 309 10.75 5.70 -6.36
CA VAL B 309 11.69 6.31 -5.46
C VAL B 309 12.48 5.25 -4.70
N MSE B 310 11.80 4.15 -4.35
CA MSE B 310 12.45 3.09 -3.60
C MSE B 310 13.48 2.29 -4.42
O MSE B 310 14.60 2.04 -3.96
CB MSE B 310 11.40 2.15 -3.02
CG MSE B 310 11.96 1.03 -2.14
SE MSE B 310 12.85 1.63 -0.49
CE MSE B 310 11.27 2.00 0.58
N MSE B 311 13.11 1.89 -5.64
CA MSE B 311 14.03 1.11 -6.46
C MSE B 311 15.23 1.92 -6.94
O MSE B 311 16.33 1.39 -7.09
CB MSE B 311 13.32 0.49 -7.65
CG MSE B 311 12.82 1.47 -8.66
SE MSE B 311 12.06 0.52 -10.16
CE MSE B 311 13.69 -0.21 -10.89
N ALA B 312 15.00 3.21 -7.16
CA ALA B 312 16.05 4.10 -7.63
C ALA B 312 17.20 4.22 -6.62
N ASN B 313 16.93 3.95 -5.35
CA ASN B 313 17.95 4.06 -4.30
C ASN B 313 18.69 2.77 -4.01
N ALA B 314 18.36 1.72 -4.73
CA ALA B 314 18.98 0.41 -4.52
C ALA B 314 20.39 0.25 -5.12
N ASP B 315 21.18 -0.62 -4.52
CA ASP B 315 22.53 -0.91 -5.02
C ASP B 315 22.33 -1.83 -6.21
N LYS B 316 21.48 -2.84 -6.04
CA LYS B 316 21.20 -3.78 -7.12
C LYS B 316 19.71 -4.02 -7.26
N ILE B 317 19.29 -4.42 -8.45
CA ILE B 317 17.88 -4.64 -8.72
C ILE B 317 17.58 -6.02 -9.30
N ILE B 318 16.53 -6.65 -8.78
CA ILE B 318 16.12 -7.95 -9.29
C ILE B 318 14.80 -7.71 -10.04
N GLY B 319 14.86 -7.84 -11.36
CA GLY B 319 13.68 -7.62 -12.17
C GLY B 319 12.90 -8.91 -12.31
N VAL B 320 11.66 -8.91 -11.85
CA VAL B 320 10.83 -10.10 -11.94
C VAL B 320 9.73 -9.88 -12.96
N SER B 321 9.59 -10.84 -13.87
CA SER B 321 8.55 -10.73 -14.89
C SER B 321 7.99 -12.11 -15.13
N MSE B 322 6.79 -12.15 -15.69
CA MSE B 322 6.16 -13.42 -15.98
C MSE B 322 6.13 -13.61 -17.48
O MSE B 322 5.77 -12.69 -18.23
CB MSE B 322 4.74 -13.42 -15.41
CG MSE B 322 4.05 -14.74 -15.57
SE MSE B 322 3.00 -15.17 -14.03
CE MSE B 322 4.44 -15.53 -12.81
N ARG B 323 6.54 -14.79 -17.91
CA ARG B 323 6.57 -15.11 -19.33
C ARG B 323 5.88 -16.47 -19.52
N ASP B 324 4.61 -16.41 -19.92
CA ASP B 324 3.80 -17.60 -20.16
C ASP B 324 3.28 -18.25 -18.87
N GLY B 325 3.03 -17.43 -17.86
CA GLY B 325 2.52 -17.95 -16.61
C GLY B 325 3.64 -18.48 -15.72
N VAL B 326 4.88 -18.21 -16.10
CA VAL B 326 6.04 -18.65 -15.34
C VAL B 326 6.92 -17.46 -15.00
N SER B 327 7.24 -17.31 -13.71
CA SER B 327 8.08 -16.20 -13.26
C SER B 327 9.51 -16.33 -13.76
N LYS B 328 10.10 -15.19 -14.09
CA LYS B 328 11.47 -15.11 -14.61
C LYS B 328 12.17 -13.94 -13.90
N VAL B 329 13.49 -14.00 -13.79
CA VAL B 329 14.28 -12.98 -13.12
C VAL B 329 15.47 -12.45 -13.93
N VAL B 330 15.80 -11.18 -13.72
CA VAL B 330 16.94 -10.54 -14.38
C VAL B 330 17.64 -9.70 -13.34
N SER B 331 18.93 -9.93 -13.13
CA SER B 331 19.69 -9.19 -12.15
C SER B 331 20.49 -8.07 -12.77
N LEU B 332 20.28 -6.86 -12.26
CA LEU B 332 20.97 -5.68 -12.73
C LEU B 332 21.68 -4.98 -11.57
N SER B 333 22.96 -4.67 -11.77
CA SER B 333 23.73 -3.99 -10.73
C SER B 333 23.99 -2.54 -11.12
N LEU B 334 23.32 -1.61 -10.46
CA LEU B 334 23.50 -0.20 -10.76
C LEU B 334 24.93 0.21 -10.45
N GLU B 335 25.57 -0.54 -9.55
CA GLU B 335 26.95 -0.28 -9.16
C GLU B 335 27.90 -0.46 -10.35
N LYS B 336 27.81 -1.62 -10.99
CA LYS B 336 28.66 -1.93 -12.15
C LYS B 336 27.98 -1.55 -13.46
N ALA B 337 26.91 -0.77 -13.39
CA ALA B 337 26.20 -0.34 -14.59
C ALA B 337 26.53 1.11 -14.93
N MSE B 338 26.80 1.91 -13.91
CA MSE B 338 27.14 3.31 -14.12
C MSE B 338 28.46 3.45 -14.87
O MSE B 338 28.67 4.41 -15.61
CB MSE B 338 27.23 4.04 -12.77
CG MSE B 338 25.88 4.43 -12.18
SE MSE B 338 24.95 5.81 -13.19
CE MSE B 338 25.46 7.35 -12.15
N LYS B 339 29.36 2.48 -14.67
CA LYS B 339 30.66 2.50 -15.34
C LYS B 339 30.57 2.13 -16.81
N ILE B 340 29.46 2.52 -17.44
CA ILE B 340 29.23 2.27 -18.86
C ILE B 340 28.52 3.46 -19.49
N ASP C 18 15.12 13.93 -7.48
CA ASP C 18 14.09 13.24 -6.65
C ASP C 18 12.95 14.20 -6.28
N ILE C 19 12.12 13.79 -5.32
CA ILE C 19 10.99 14.62 -4.87
C ILE C 19 11.49 15.60 -3.82
N GLU C 20 12.55 15.20 -3.13
CA GLU C 20 13.15 16.01 -2.09
C GLU C 20 13.76 17.28 -2.71
N LYS C 21 14.04 17.20 -4.01
CA LYS C 21 14.64 18.32 -4.74
C LYS C 21 13.59 19.22 -5.37
N TYR C 22 12.63 18.62 -6.08
CA TYR C 22 11.56 19.37 -6.74
C TYR C 22 10.84 20.31 -5.76
N VAL C 23 10.73 19.89 -4.52
CA VAL C 23 10.06 20.68 -3.49
C VAL C 23 10.95 21.85 -3.06
N GLU C 24 12.24 21.60 -2.91
CA GLU C 24 13.16 22.64 -2.50
C GLU C 24 13.35 23.69 -3.59
N GLU C 25 13.21 23.30 -4.84
CA GLU C 25 13.36 24.22 -5.95
C GLU C 25 12.14 25.13 -6.04
N LEU C 26 10.98 24.51 -5.93
CA LEU C 26 9.71 25.21 -5.99
C LEU C 26 9.66 26.25 -4.85
N TYR C 27 10.21 25.89 -3.70
CA TYR C 27 10.23 26.78 -2.55
C TYR C 27 11.10 27.98 -2.84
N LYS C 28 12.26 27.75 -3.46
CA LYS C 28 13.17 28.84 -3.79
C LYS C 28 12.49 29.77 -4.77
N VAL C 29 11.75 29.18 -5.71
CA VAL C 29 11.04 29.99 -6.70
C VAL C 29 10.01 30.89 -6.02
N VAL C 30 9.33 30.37 -4.99
CA VAL C 30 8.34 31.13 -4.27
C VAL C 30 9.03 32.27 -3.51
N LYS C 31 10.11 31.94 -2.82
CA LYS C 31 10.90 32.91 -2.06
C LYS C 31 11.42 34.05 -2.94
N LYS C 32 11.99 33.70 -4.09
CA LYS C 32 12.52 34.69 -5.01
C LYS C 32 11.46 35.66 -5.48
N ILE C 33 10.32 35.14 -5.93
CA ILE C 33 9.26 36.02 -6.41
C ILE C 33 8.77 36.92 -5.28
N TYR C 34 8.48 36.34 -4.13
CA TYR C 34 7.99 37.11 -2.99
C TYR C 34 8.99 38.18 -2.56
N GLU C 35 10.26 37.84 -2.58
CA GLU C 35 11.34 38.75 -2.18
C GLU C 35 11.32 39.99 -3.06
N LYS C 36 10.67 39.90 -4.23
CA LYS C 36 10.58 41.05 -5.13
C LYS C 36 9.21 41.72 -5.16
N THR C 37 8.13 40.94 -5.14
CA THR C 37 6.80 41.53 -5.21
C THR C 37 6.23 41.92 -3.85
N GLY C 38 6.55 41.15 -2.82
CA GLY C 38 6.02 41.45 -1.49
C GLY C 38 4.53 41.19 -1.40
N THR C 39 4.03 40.44 -2.37
CA THR C 39 2.62 40.10 -2.43
C THR C 39 2.42 38.61 -2.75
N PRO C 40 1.42 37.96 -2.13
CA PRO C 40 1.13 36.54 -2.35
C PRO C 40 1.21 36.13 -3.81
N ILE C 41 1.86 35.00 -4.08
CA ILE C 41 2.02 34.50 -5.44
C ILE C 41 0.80 33.70 -5.89
N LYS C 42 0.38 33.93 -7.12
CA LYS C 42 -0.77 33.21 -7.68
C LYS C 42 -0.32 31.80 -8.06
N PHE C 43 -1.11 30.81 -7.64
CA PHE C 43 -0.80 29.42 -7.94
C PHE C 43 -0.48 29.21 -9.41
N TRP C 44 -1.25 29.86 -10.28
CA TRP C 44 -1.06 29.75 -11.72
C TRP C 44 0.36 30.07 -12.18
N ASP C 45 0.90 31.18 -11.72
CA ASP C 45 2.25 31.58 -12.12
C ASP C 45 3.30 30.66 -11.52
N LEU C 46 2.85 29.57 -10.91
CA LEU C 46 3.76 28.63 -10.28
C LEU C 46 3.82 27.30 -11.05
N VAL C 47 2.76 27.02 -11.81
CA VAL C 47 2.69 25.80 -12.59
C VAL C 47 3.34 25.99 -13.96
N PRO C 48 4.45 25.28 -14.23
CA PRO C 48 5.13 25.39 -15.52
C PRO C 48 4.27 25.05 -16.74
N ASP C 49 4.12 23.76 -17.03
CA ASP C 49 3.34 23.34 -18.19
C ASP C 49 1.86 23.18 -17.84
N VAL C 50 1.00 23.37 -18.83
CA VAL C 50 -0.43 23.27 -18.63
C VAL C 50 -0.97 21.87 -18.91
N GLU C 51 -0.73 20.97 -17.95
CA GLU C 51 -1.17 19.58 -18.07
C GLU C 51 -1.54 19.02 -16.70
N PRO C 52 -2.72 18.39 -16.60
CA PRO C 52 -3.21 17.80 -15.35
C PRO C 52 -2.11 17.22 -14.49
N LYS C 53 -1.21 16.46 -15.10
CA LYS C 53 -0.11 15.84 -14.36
C LYS C 53 0.80 16.86 -13.68
N ILE C 54 1.17 17.92 -14.41
CA ILE C 54 2.07 18.95 -13.88
C ILE C 54 1.39 19.86 -12.86
N ILE C 55 0.15 20.24 -13.14
CA ILE C 55 -0.63 21.09 -12.26
C ILE C 55 -0.76 20.42 -10.87
N ALA C 56 -1.19 19.17 -10.87
CA ALA C 56 -1.39 18.40 -9.64
C ALA C 56 -0.09 18.18 -8.88
N ARG C 57 1.01 17.97 -9.60
CA ARG C 57 2.29 17.75 -8.94
C ARG C 57 2.75 19.04 -8.24
N THR C 58 2.50 20.17 -8.88
CA THR C 58 2.87 21.47 -8.31
C THR C 58 2.00 21.67 -7.06
N PHE C 59 0.70 21.44 -7.22
CA PHE C 59 -0.25 21.56 -6.14
C PHE C 59 0.23 20.70 -4.96
N LEU C 60 0.50 19.43 -5.25
CA LEU C 60 0.95 18.50 -4.22
C LEU C 60 2.20 19.02 -3.49
N TYR C 61 3.20 19.47 -4.23
CA TYR C 61 4.42 19.98 -3.60
C TYR C 61 4.14 21.15 -2.67
N LEU C 62 3.21 22.01 -3.06
CA LEU C 62 2.87 23.14 -2.21
C LEU C 62 2.30 22.60 -0.92
N LEU C 63 1.42 21.60 -1.03
CA LEU C 63 0.82 20.99 0.16
C LEU C 63 1.93 20.48 1.07
N PHE C 64 2.94 19.87 0.47
CA PHE C 64 4.06 19.34 1.25
C PHE C 64 4.81 20.47 1.93
N LEU C 65 5.03 21.57 1.20
CA LEU C 65 5.73 22.71 1.77
C LEU C 65 4.93 23.33 2.92
N GLU C 66 3.59 23.31 2.83
CA GLU C 66 2.78 23.87 3.89
C GLU C 66 2.94 22.99 5.15
N ASN C 67 2.95 21.67 4.98
CA ASN C 67 3.15 20.74 6.10
C ASN C 67 4.49 21.05 6.77
N MET C 68 5.48 21.36 5.94
CA MET C 68 6.83 21.69 6.40
C MET C 68 6.90 23.09 7.01
N GLY C 69 5.78 23.81 6.99
CA GLY C 69 5.77 25.15 7.54
C GLY C 69 6.67 26.09 6.75
N ARG C 70 6.89 25.77 5.47
CA ARG C 70 7.74 26.57 4.61
C ARG C 70 6.92 27.66 3.90
N VAL C 71 5.70 27.32 3.52
CA VAL C 71 4.83 28.29 2.86
C VAL C 71 3.46 28.21 3.50
N GLU C 72 2.60 29.12 3.07
CA GLU C 72 1.23 29.17 3.56
C GLU C 72 0.37 29.27 2.32
N ILE C 73 -0.61 28.38 2.19
CA ILE C 73 -1.49 28.42 1.03
C ILE C 73 -2.77 29.17 1.39
N ILE C 74 -3.17 30.11 0.55
CA ILE C 74 -4.36 30.90 0.80
C ILE C 74 -5.44 30.71 -0.26
N GLN C 75 -6.67 30.51 0.20
CA GLN C 75 -7.82 30.32 -0.68
C GLN C 75 -9.03 30.86 0.09
N GLU C 76 -9.76 31.77 -0.54
CA GLU C 76 -10.93 32.41 0.08
C GLU C 76 -12.18 31.56 0.00
N GLU C 77 -12.39 30.93 -1.14
CA GLU C 77 -13.56 30.10 -1.34
C GLU C 77 -13.22 28.81 -2.05
N PRO C 78 -14.10 27.80 -1.95
CA PRO C 78 -13.87 26.51 -2.60
C PRO C 78 -13.60 26.65 -4.09
N PHE C 79 -12.52 26.04 -4.54
CA PHE C 79 -12.13 26.09 -5.95
C PHE C 79 -11.77 27.51 -6.39
N GLY C 80 -11.77 28.45 -5.45
CA GLY C 80 -11.41 29.82 -5.77
C GLY C 80 -9.94 29.92 -6.09
N GLU C 81 -9.44 31.14 -6.30
CA GLU C 81 -8.04 31.35 -6.64
C GLU C 81 -7.10 30.88 -5.53
N ILE C 82 -6.00 30.25 -5.92
CA ILE C 82 -5.04 29.78 -4.93
C ILE C 82 -3.81 30.67 -4.89
N LEU C 83 -3.48 31.17 -3.71
CA LEU C 83 -2.34 32.05 -3.54
C LEU C 83 -1.34 31.46 -2.57
N VAL C 84 -0.06 31.80 -2.73
CA VAL C 84 0.99 31.27 -1.88
C VAL C 84 1.91 32.32 -1.28
N VAL C 85 2.21 32.14 0.01
CA VAL C 85 3.08 33.06 0.73
C VAL C 85 4.14 32.25 1.47
N PRO C 86 5.42 32.56 1.22
CA PRO C 86 6.51 31.84 1.89
C PRO C 86 6.63 32.25 3.35
N MET C 87 7.11 31.34 4.19
CA MET C 87 7.29 31.59 5.62
C MET C 87 8.74 31.95 5.88
N ILE D 19 0.31 7.02 -18.10
CA ILE D 19 1.80 7.05 -18.25
C ILE D 19 2.31 5.71 -18.81
N GLU D 20 1.58 5.17 -19.77
CA GLU D 20 1.94 3.90 -20.39
C GLU D 20 2.53 4.18 -21.78
N LYS D 21 2.58 5.45 -22.15
CA LYS D 21 3.13 5.86 -23.44
C LYS D 21 4.64 5.60 -23.42
N TYR D 22 5.27 5.87 -22.29
CA TYR D 22 6.70 5.67 -22.14
C TYR D 22 7.05 4.21 -22.42
N VAL D 23 6.13 3.31 -22.08
CA VAL D 23 6.32 1.88 -22.30
C VAL D 23 6.17 1.55 -23.78
N GLU D 24 5.22 2.23 -24.43
CA GLU D 24 4.95 2.01 -25.84
C GLU D 24 6.04 2.58 -26.74
N GLU D 25 6.58 3.73 -26.36
CA GLU D 25 7.64 4.36 -27.13
C GLU D 25 8.93 3.56 -26.98
N LEU D 26 9.06 2.83 -25.89
CA LEU D 26 10.24 2.00 -25.66
C LEU D 26 10.15 0.78 -26.57
N TYR D 27 8.95 0.26 -26.76
CA TYR D 27 8.75 -0.90 -27.62
C TYR D 27 9.03 -0.52 -29.07
N LYS D 28 8.85 0.76 -29.38
CA LYS D 28 9.10 1.27 -30.72
C LYS D 28 10.59 1.16 -31.05
N VAL D 29 11.43 1.80 -30.23
CA VAL D 29 12.88 1.76 -30.45
C VAL D 29 13.43 0.33 -30.44
N VAL D 30 12.64 -0.61 -29.92
CA VAL D 30 13.06 -2.01 -29.86
C VAL D 30 12.68 -2.70 -31.16
N LYS D 31 11.52 -2.33 -31.71
CA LYS D 31 11.06 -2.93 -32.96
C LYS D 31 11.75 -2.23 -34.15
N LYS D 32 12.51 -1.17 -33.85
CA LYS D 32 13.23 -0.40 -34.87
C LYS D 32 14.71 -0.78 -34.92
N ILE D 33 15.36 -0.88 -33.77
CA ILE D 33 16.78 -1.27 -33.73
C ILE D 33 16.89 -2.75 -34.07
N TYR D 34 15.75 -3.41 -34.18
CA TYR D 34 15.71 -4.82 -34.51
C TYR D 34 15.28 -4.97 -35.96
N GLU D 35 14.45 -4.04 -36.42
CA GLU D 35 13.99 -4.05 -37.81
C GLU D 35 15.22 -3.99 -38.69
N LYS D 36 16.28 -3.38 -38.17
CA LYS D 36 17.56 -3.26 -38.88
C LYS D 36 18.47 -4.41 -38.46
N THR D 37 19.21 -4.20 -37.37
CA THR D 37 20.14 -5.18 -36.82
C THR D 37 19.66 -6.62 -36.90
N GLY D 38 18.36 -6.84 -36.73
CA GLY D 38 17.82 -8.19 -36.79
C GLY D 38 18.39 -9.09 -35.71
N THR D 39 19.12 -8.49 -34.76
CA THR D 39 19.74 -9.22 -33.67
C THR D 39 19.26 -8.66 -32.32
N PRO D 40 19.53 -9.39 -31.21
CA PRO D 40 19.12 -8.97 -29.86
C PRO D 40 19.73 -7.63 -29.43
N ILE D 41 18.86 -6.70 -29.05
CA ILE D 41 19.26 -5.36 -28.60
C ILE D 41 19.91 -5.34 -27.22
N LYS D 42 21.06 -4.68 -27.12
CA LYS D 42 21.76 -4.57 -25.84
C LYS D 42 21.00 -3.58 -24.97
N PHE D 43 20.82 -3.93 -23.71
CA PHE D 43 20.10 -3.06 -22.78
C PHE D 43 20.74 -1.67 -22.78
N TRP D 44 22.07 -1.65 -22.65
CA TRP D 44 22.84 -0.42 -22.62
C TRP D 44 22.37 0.61 -23.65
N ASP D 45 22.14 0.16 -24.89
CA ASP D 45 21.69 1.04 -25.97
C ASP D 45 20.21 1.44 -25.88
N LEU D 46 19.63 1.32 -24.69
CA LEU D 46 18.22 1.67 -24.50
C LEU D 46 18.02 2.68 -23.37
N VAL D 47 19.01 2.78 -22.49
CA VAL D 47 18.92 3.73 -21.37
C VAL D 47 19.51 5.08 -21.79
N PRO D 48 18.66 6.10 -21.95
CA PRO D 48 19.06 7.45 -22.35
C PRO D 48 20.15 8.11 -21.49
N ASP D 49 19.74 8.75 -20.40
CA ASP D 49 20.68 9.42 -19.52
C ASP D 49 21.37 8.42 -18.62
N VAL D 50 22.68 8.61 -18.42
CA VAL D 50 23.45 7.71 -17.56
C VAL D 50 23.20 7.97 -16.09
N GLU D 51 21.93 7.94 -15.69
CA GLU D 51 21.54 8.18 -14.31
C GLU D 51 20.77 7.00 -13.71
N PRO D 52 21.01 6.71 -12.41
CA PRO D 52 20.36 5.62 -11.67
C PRO D 52 18.84 5.55 -11.81
N LYS D 53 18.19 6.70 -11.70
CA LYS D 53 16.73 6.75 -11.81
C LYS D 53 16.24 6.35 -13.19
N ILE D 54 16.98 6.75 -14.23
CA ILE D 54 16.59 6.44 -15.61
C ILE D 54 16.94 5.01 -16.01
N ILE D 55 18.13 4.55 -15.64
CA ILE D 55 18.55 3.19 -15.96
C ILE D 55 17.62 2.19 -15.27
N ALA D 56 17.00 2.61 -14.18
CA ALA D 56 16.08 1.76 -13.43
C ALA D 56 14.69 1.75 -14.06
N ARG D 57 14.26 2.90 -14.58
CA ARG D 57 12.95 2.99 -15.21
C ARG D 57 12.97 2.18 -16.51
N THR D 58 14.03 2.36 -17.30
CA THR D 58 14.17 1.64 -18.56
C THR D 58 14.01 0.15 -18.27
N PHE D 59 14.67 -0.29 -17.20
CA PHE D 59 14.63 -1.69 -16.78
C PHE D 59 13.21 -2.11 -16.41
N LEU D 60 12.55 -1.30 -15.59
CA LEU D 60 11.18 -1.59 -15.17
C LEU D 60 10.24 -1.73 -16.36
N TYR D 61 10.32 -0.78 -17.29
CA TYR D 61 9.48 -0.78 -18.48
C TYR D 61 9.69 -2.03 -19.34
N LEU D 62 10.92 -2.51 -19.42
CA LEU D 62 11.23 -3.70 -20.18
C LEU D 62 10.55 -4.90 -19.51
N LEU D 63 10.64 -4.93 -18.18
CA LEU D 63 10.02 -6.01 -17.41
C LEU D 63 8.52 -6.00 -17.67
N PHE D 64 7.95 -4.79 -17.73
CA PHE D 64 6.53 -4.63 -18.00
C PHE D 64 6.25 -5.16 -19.40
N LEU D 65 7.15 -4.86 -20.34
CA LEU D 65 6.98 -5.32 -21.72
C LEU D 65 6.99 -6.84 -21.78
N GLU D 66 7.94 -7.46 -21.10
CA GLU D 66 8.02 -8.92 -21.11
C GLU D 66 6.73 -9.54 -20.57
N ASN D 67 6.16 -8.91 -19.56
CA ASN D 67 4.90 -9.39 -18.96
C ASN D 67 3.77 -9.34 -19.98
N MET D 68 3.70 -8.25 -20.74
CA MET D 68 2.67 -8.07 -21.75
C MET D 68 2.85 -9.07 -22.90
N GLY D 69 4.10 -9.41 -23.18
CA GLY D 69 4.39 -10.35 -24.26
C GLY D 69 5.04 -9.63 -25.43
N ARG D 70 5.33 -8.35 -25.21
CA ARG D 70 5.95 -7.52 -26.23
C ARG D 70 7.38 -7.94 -26.53
N VAL D 71 8.21 -8.02 -25.49
CA VAL D 71 9.60 -8.42 -25.69
C VAL D 71 9.98 -9.64 -24.88
N GLU D 72 11.27 -9.95 -24.92
CA GLU D 72 11.84 -11.08 -24.20
C GLU D 72 13.24 -10.65 -23.76
N ILE D 73 13.48 -10.71 -22.45
CA ILE D 73 14.77 -10.31 -21.90
C ILE D 73 15.72 -11.50 -21.81
N ILE D 74 16.97 -11.28 -22.20
CA ILE D 74 17.96 -12.34 -22.18
C ILE D 74 19.14 -12.01 -21.27
N GLN D 75 19.50 -12.95 -20.41
CA GLN D 75 20.64 -12.78 -19.51
C GLN D 75 21.16 -14.17 -19.19
N GLU D 76 22.38 -14.46 -19.65
CA GLU D 76 22.99 -15.77 -19.46
C GLU D 76 23.44 -16.07 -18.03
N GLU D 77 23.89 -15.06 -17.31
CA GLU D 77 24.34 -15.28 -15.94
C GLU D 77 24.00 -14.12 -15.02
N PRO D 78 23.92 -14.39 -13.70
CA PRO D 78 23.59 -13.36 -12.71
C PRO D 78 24.40 -12.08 -12.91
N PHE D 79 23.68 -10.99 -13.15
CA PHE D 79 24.27 -9.68 -13.37
C PHE D 79 24.97 -9.59 -14.73
N GLY D 80 24.83 -10.64 -15.52
CA GLY D 80 25.45 -10.66 -16.84
C GLY D 80 24.86 -9.63 -17.79
N GLU D 81 25.16 -9.78 -19.08
CA GLU D 81 24.67 -8.87 -20.09
C GLU D 81 23.20 -9.11 -20.40
N ILE D 82 22.43 -8.03 -20.43
CA ILE D 82 21.01 -8.11 -20.73
C ILE D 82 20.80 -7.80 -22.20
N LEU D 83 19.93 -8.58 -22.85
CA LEU D 83 19.62 -8.40 -24.27
C LEU D 83 18.12 -8.48 -24.47
N VAL D 84 17.59 -7.64 -25.36
CA VAL D 84 16.15 -7.61 -25.60
C VAL D 84 15.75 -7.99 -27.02
N VAL D 85 14.87 -8.97 -27.13
CA VAL D 85 14.39 -9.42 -28.42
C VAL D 85 12.88 -9.20 -28.46
N PRO D 86 12.41 -8.37 -29.41
CA PRO D 86 10.97 -8.09 -29.53
C PRO D 86 10.22 -9.31 -30.08
N MET D 87 8.89 -9.20 -30.10
CA MET D 87 8.04 -10.29 -30.59
C MET D 87 6.77 -9.72 -31.20
P PO4 E . -2.21 -3.23 3.84
O1 PO4 E . -3.15 -2.32 3.14
O2 PO4 E . -2.71 -4.62 3.75
O3 PO4 E . -0.87 -3.15 3.20
O4 PO4 E . -2.10 -2.83 5.26
P PO4 F . -3.62 10.81 6.64
O1 PO4 F . -2.34 10.04 6.73
O2 PO4 F . -4.74 9.89 6.29
O3 PO4 F . -3.90 11.44 7.96
O4 PO4 F . -3.50 11.85 5.60
P PO4 G . 3.75 -10.21 -7.14
O1 PO4 G . 4.83 -9.66 -8.01
O2 PO4 G . 3.39 -11.58 -7.58
O3 PO4 G . 4.23 -10.25 -5.74
O4 PO4 G . 2.55 -9.34 -7.24
#